data_6GE8
#
_entry.id   6GE8
#
_cell.length_a   62.748
_cell.length_b   66.559
_cell.length_c   202.504
_cell.angle_alpha   90.00
_cell.angle_beta   90.00
_cell.angle_gamma   90.00
#
_symmetry.space_group_name_H-M   'P 21 21 21'
#
loop_
_entity.id
_entity.type
_entity.pdbx_description
1 polymer 'Adenosylmethionine-8-amino-7-oxononanoate aminotransferase'
2 non-polymer [(2~{S})-3-(1~{H}-indol-3-yl)-1-[(2~{E})-2-[[2-methyl-3-oxidanyl-5-(phosphonooxymethyl)pyridin-4-yl]methylidene]hydrazinyl]-1-oxidanylidene-propan-2-yl]azanium
3 non-polymer 'MAGNESIUM ION'
4 water water
#
_entity_poly.entity_id   1
_entity_poly.type   'polypeptide(L)'
_entity_poly.pdbx_seq_one_letter_code
;MGSSHHHHHHSSGLVPRGSHMAAATGGLTPEQIIAVDGAHLWHPYSSIGREAVSPVVAVAAHGAWLTLIRDGQPIEVLDA
MSSWWTAIHGHGHPALDQALTTQLRVMNHVMFGGLTHEPAARLAKLLVDITPAGLDTVFFSDSGSVSVEVAAKMALQYWR
GRGLPGKRRLMTWRGGYHGDTFLAMSICDPHGGMHSLWTDVLAAQVFAPQVPRDYDPAYSAAFEAQLAQHAGELAAVVVE
PVVQGAGGMRFHDPRYLHDLRDICRRYEVLLIFDEIATGFGRTGALFAADHAGVSPDIMCVGKALTGGYLSLAATLCTAD
VAHTISAGAAGALMHGPTFMANPLACAVSVASVELLLGQDWRTRITELAAGLTAGLDTARALPAVTDVRVCGAIGVIECD
RPVDLAVATPAALDRGVWLRPFRNLVYAMPPYICTPAEITQITSAMVEVARLVGSLP
;
_entity_poly.pdbx_strand_id   A,B
#
loop_
_chem_comp.id
_chem_comp.type
_chem_comp.name
_chem_comp.formula
EWE non-polymer [(2~{S})-3-(1~{H}-indol-3-yl)-1-[(2~{E})-2-[[2-methyl-3-oxidanyl-5-(phosphonooxymethyl)pyridin-4-yl]methylidene]hydrazinyl]-1-oxidanylidene-propan-2-yl]azanium 'C19 H23 N5 O6 P 1'
MG non-polymer 'MAGNESIUM ION' 'Mg 2'
#
# COMPACT_ATOMS: atom_id res chain seq x y z
N GLY A 27 4.23 27.11 0.38
CA GLY A 27 4.08 27.17 1.83
C GLY A 27 2.67 27.57 2.27
N LEU A 28 2.24 27.06 3.42
CA LEU A 28 0.90 27.35 3.94
C LEU A 28 0.96 27.59 5.45
N THR A 29 0.22 28.61 5.89
CA THR A 29 0.03 28.85 7.31
C THR A 29 -0.91 27.80 7.87
N PRO A 30 -0.95 27.63 9.19
CA PRO A 30 -1.91 26.68 9.78
C PRO A 30 -3.36 26.97 9.45
N GLU A 31 -3.77 28.25 9.43
CA GLU A 31 -5.12 28.59 9.03
C GLU A 31 -5.41 28.17 7.58
N GLN A 32 -4.45 28.34 6.67
CA GLN A 32 -4.64 27.91 5.30
C GLN A 32 -4.66 26.38 5.18
N ILE A 33 -3.85 25.70 5.99
CA ILE A 33 -3.89 24.24 6.03
C ILE A 33 -5.28 23.76 6.39
N ILE A 34 -5.88 24.36 7.41
CA ILE A 34 -7.19 23.91 7.85
C ILE A 34 -8.25 24.19 6.81
N ALA A 35 -8.13 25.32 6.10
CA ALA A 35 -9.05 25.64 5.03
C ALA A 35 -8.97 24.62 3.90
N VAL A 36 -7.74 24.32 3.44
CA VAL A 36 -7.57 23.31 2.39
C VAL A 36 -8.07 21.96 2.89
N ASP A 37 -7.68 21.59 4.10
CA ASP A 37 -8.05 20.30 4.65
C ASP A 37 -9.57 20.13 4.66
N GLY A 38 -10.28 21.13 5.17
CA GLY A 38 -11.74 21.02 5.28
C GLY A 38 -12.44 20.93 3.93
N ALA A 39 -11.87 21.51 2.89
CA ALA A 39 -12.48 21.49 1.59
C ALA A 39 -12.04 20.29 0.75
N HIS A 40 -10.83 19.76 0.94
CA HIS A 40 -10.27 18.85 -0.04
C HIS A 40 -9.70 17.53 0.48
N LEU A 41 -9.52 17.34 1.78
CA LEU A 41 -8.82 16.16 2.28
C LEU A 41 -9.81 15.23 2.99
N TRP A 42 -9.87 13.97 2.56
CA TRP A 42 -10.50 12.90 3.34
C TRP A 42 -9.56 12.44 4.46
N HIS A 43 -10.11 12.16 5.62
CA HIS A 43 -9.36 11.54 6.71
C HIS A 43 -9.88 10.13 6.97
N PRO A 44 -9.14 9.30 7.71
CA PRO A 44 -9.58 7.93 7.95
C PRO A 44 -10.99 7.88 8.53
N TYR A 45 -11.82 7.01 7.96
CA TYR A 45 -13.15 6.74 8.53
C TYR A 45 -13.86 8.04 8.89
N SER A 46 -13.80 9.02 7.99
CA SER A 46 -14.34 10.36 8.24
C SER A 46 -15.23 10.80 7.09
N SER A 47 -15.85 11.96 7.27
CA SER A 47 -16.66 12.63 6.28
C SER A 47 -15.91 13.81 5.69
N ILE A 48 -16.52 14.41 4.67
CA ILE A 48 -16.12 15.71 4.15
C ILE A 48 -17.22 16.68 4.57
N GLY A 49 -16.85 17.73 5.31
CA GLY A 49 -17.80 18.78 5.65
C GLY A 49 -18.80 18.46 6.76
N ARG A 50 -18.76 17.26 7.33
CA ARG A 50 -19.62 16.90 8.45
C ARG A 50 -18.79 16.66 9.71
N GLU A 51 -17.49 16.91 9.65
CA GLU A 51 -16.60 16.67 10.79
C GLU A 51 -17.02 17.53 11.98
N ALA A 52 -17.55 16.89 13.03
CA ALA A 52 -17.89 17.61 14.25
C ALA A 52 -16.64 18.18 14.91
N VAL A 53 -15.52 17.49 14.78
CA VAL A 53 -14.23 17.96 15.27
C VAL A 53 -13.30 18.04 14.07
N SER A 54 -12.76 19.19 13.83
CA SER A 54 -11.85 19.32 12.71
C SER A 54 -10.44 18.91 13.11
N PRO A 55 -9.62 18.42 12.18
CA PRO A 55 -8.28 17.96 12.55
C PRO A 55 -7.44 19.10 13.11
N VAL A 56 -6.45 18.72 13.95
CA VAL A 56 -5.47 19.63 14.53
C VAL A 56 -4.23 19.60 13.64
N VAL A 57 -3.62 20.76 13.37
CA VAL A 57 -2.43 20.84 12.52
C VAL A 57 -1.18 20.41 13.30
N ALA A 58 -0.46 19.44 12.77
CA ALA A 58 0.84 19.02 13.27
C ALA A 58 1.92 19.66 12.41
N VAL A 59 2.91 20.30 13.04
CA VAL A 59 3.97 20.98 12.30
C VAL A 59 5.35 20.39 12.54
N ALA A 60 5.56 19.54 13.55
CA ALA A 60 6.87 18.94 13.74
C ALA A 60 6.68 17.74 14.64
N ALA A 61 7.68 16.87 14.61
CA ALA A 61 7.71 15.69 15.48
C ALA A 61 9.17 15.38 15.76
N HIS A 62 9.49 15.17 17.01
CA HIS A 62 10.86 14.82 17.38
CA HIS A 62 10.87 14.81 17.38
C HIS A 62 10.83 13.97 18.64
N GLY A 63 11.54 12.83 18.60
CA GLY A 63 11.53 11.91 19.71
C GLY A 63 10.13 11.49 20.00
N ALA A 64 9.74 11.55 21.28
CA ALA A 64 8.40 11.14 21.67
C ALA A 64 7.36 12.26 21.55
N TRP A 65 7.73 13.41 20.99
CA TRP A 65 6.89 14.61 21.02
C TRP A 65 6.41 15.05 19.65
N LEU A 66 5.14 15.46 19.58
CA LEU A 66 4.57 16.11 18.42
C LEU A 66 4.44 17.58 18.74
N THR A 67 4.69 18.46 17.76
CA THR A 67 4.32 19.86 17.90
C THR A 67 3.01 20.07 17.14
N LEU A 68 1.96 20.42 17.87
CA LEU A 68 0.63 20.63 17.34
C LEU A 68 0.23 22.08 17.54
N ILE A 69 -0.69 22.56 16.70
CA ILE A 69 -1.19 23.92 16.79
C ILE A 69 -2.51 23.88 17.52
N ARG A 70 -2.56 24.55 18.66
CA ARG A 70 -3.76 24.64 19.48
C ARG A 70 -4.07 26.11 19.66
N ASP A 71 -5.21 26.55 19.10
CA ASP A 71 -5.61 27.94 19.19
C ASP A 71 -4.56 28.86 18.58
N GLY A 72 -3.99 28.44 17.45
CA GLY A 72 -2.97 29.25 16.80
C GLY A 72 -1.62 29.27 17.47
N GLN A 73 -1.42 28.50 18.55
CA GLN A 73 -0.13 28.44 19.21
C GLN A 73 0.45 27.02 19.13
N PRO A 74 1.74 26.88 18.80
CA PRO A 74 2.33 25.54 18.75
C PRO A 74 2.67 25.03 20.14
N ILE A 75 2.34 23.78 20.40
CA ILE A 75 2.60 23.18 21.71
C ILE A 75 3.17 21.79 21.45
N GLU A 76 4.04 21.34 22.34
CA GLU A 76 4.59 20.00 22.23
C GLU A 76 3.79 19.06 23.11
N VAL A 77 3.43 17.89 22.58
CA VAL A 77 2.67 16.90 23.31
C VAL A 77 3.26 15.53 23.04
N LEU A 78 3.07 14.63 24.00
CA LEU A 78 3.55 13.25 23.89
C LEU A 78 2.73 12.45 22.89
N ASP A 79 3.41 11.74 22.00
CA ASP A 79 2.76 10.83 21.02
C ASP A 79 2.48 9.50 21.70
N ALA A 80 1.39 9.47 22.50
CA ALA A 80 1.12 8.31 23.34
C ALA A 80 0.77 7.06 22.53
N MET A 81 0.37 7.26 21.27
CA MET A 81 -0.08 6.21 20.36
C MET A 81 1.04 5.71 19.45
N SER A 82 2.24 6.25 19.59
CA SER A 82 3.34 6.02 18.64
C SER A 82 2.87 6.18 17.20
N SER A 83 1.99 7.14 16.96
CA SER A 83 1.44 7.35 15.61
C SER A 83 0.92 6.04 15.02
N TRP A 84 -0.01 5.44 15.76
CA TRP A 84 -0.66 4.18 15.41
C TRP A 84 0.35 3.03 15.27
N TRP A 85 1.10 2.85 16.35
CA TRP A 85 1.99 1.72 16.65
C TRP A 85 3.30 1.82 15.88
N THR A 86 3.56 2.90 15.15
CA THR A 86 4.67 2.84 14.20
C THR A 86 5.97 3.36 14.79
N ALA A 87 5.91 4.38 15.62
CA ALA A 87 7.10 5.15 15.99
C ALA A 87 7.81 4.59 17.24
N ILE A 88 8.27 3.35 17.13
CA ILE A 88 8.76 2.67 18.31
C ILE A 88 10.05 3.32 18.83
N HIS A 89 10.84 3.93 17.96
CA HIS A 89 12.06 4.63 18.35
C HIS A 89 11.85 6.13 18.44
N GLY A 90 10.61 6.58 18.43
CA GLY A 90 10.30 7.97 18.32
C GLY A 90 10.50 8.52 16.90
N HIS A 91 10.23 9.81 16.78
CA HIS A 91 10.34 10.51 15.51
C HIS A 91 11.73 11.14 15.38
N GLY A 92 12.23 11.18 14.15
CA GLY A 92 13.48 11.86 13.89
C GLY A 92 14.65 11.28 14.65
N HIS A 93 14.64 9.98 14.90
CA HIS A 93 15.80 9.33 15.52
C HIS A 93 17.03 9.46 14.61
N PRO A 94 18.17 9.91 15.13
CA PRO A 94 19.31 10.20 14.22
C PRO A 94 19.81 8.99 13.46
N ALA A 95 19.74 7.78 14.02
CA ALA A 95 20.25 6.62 13.29
C ALA A 95 19.35 6.26 12.12
N LEU A 96 18.05 6.48 12.24
CA LEU A 96 17.14 6.14 11.15
C LEU A 96 17.18 7.21 10.06
N ASP A 97 17.19 8.48 10.46
CA ASP A 97 17.39 9.58 9.53
C ASP A 97 18.64 9.38 8.68
N GLN A 98 19.73 8.99 9.32
CA GLN A 98 21.00 8.87 8.60
C GLN A 98 20.96 7.70 7.62
N ALA A 99 20.31 6.61 8.00
CA ALA A 99 20.18 5.48 7.08
C ALA A 99 19.39 5.88 5.85
N LEU A 100 18.36 6.68 6.04
CA LEU A 100 17.53 7.12 4.91
C LEU A 100 18.33 8.05 4.00
N THR A 101 19.02 9.04 4.58
CA THR A 101 19.77 9.98 3.77
C THR A 101 20.96 9.28 3.09
N THR A 102 21.53 8.28 3.74
CA THR A 102 22.63 7.54 3.11
C THR A 102 22.15 6.82 1.85
N GLN A 103 21.03 6.14 1.94
CA GLN A 103 20.51 5.40 0.81
C GLN A 103 20.06 6.33 -0.29
N LEU A 104 19.43 7.44 0.11
CA LEU A 104 18.98 8.44 -0.84
C LEU A 104 20.12 8.94 -1.72
N ARG A 105 21.33 9.05 -1.17
CA ARG A 105 22.42 9.57 -1.99
C ARG A 105 22.87 8.57 -3.05
N VAL A 106 22.57 7.29 -2.86
CA VAL A 106 23.05 6.20 -3.70
C VAL A 106 21.99 5.76 -4.74
N MET A 107 20.79 5.47 -4.28
CA MET A 107 19.76 4.86 -5.12
C MET A 107 18.41 4.99 -4.42
N ASN A 108 17.53 5.86 -4.96
CA ASN A 108 16.22 6.06 -4.34
C ASN A 108 15.34 4.82 -4.49
N HIS A 109 15.30 4.25 -5.68
CA HIS A 109 14.32 3.21 -6.02
C HIS A 109 14.69 2.65 -7.37
N VAL A 110 14.57 1.33 -7.51
CA VAL A 110 14.64 0.68 -8.80
C VAL A 110 13.56 -0.38 -8.77
N MET A 111 13.11 -0.76 -9.95
CA MET A 111 12.09 -1.81 -10.04
C MET A 111 12.61 -3.17 -9.59
N PHE A 112 11.78 -3.90 -8.86
CA PHE A 112 12.17 -5.21 -8.35
C PHE A 112 11.88 -6.32 -9.37
N GLY A 113 11.45 -5.99 -10.58
CA GLY A 113 11.30 -6.95 -11.67
C GLY A 113 12.60 -7.15 -12.42
N GLY A 114 13.30 -8.21 -12.09
CA GLY A 114 14.56 -8.54 -12.72
C GLY A 114 15.78 -7.91 -12.08
N LEU A 115 15.59 -7.06 -11.08
CA LEU A 115 16.68 -6.41 -10.37
C LEU A 115 16.54 -6.72 -8.88
N THR A 116 17.68 -6.77 -8.18
CA THR A 116 17.66 -6.84 -6.73
C THR A 116 18.68 -5.83 -6.18
N HIS A 117 18.70 -5.67 -4.86
CA HIS A 117 19.55 -4.64 -4.29
C HIS A 117 19.87 -4.96 -2.84
N GLU A 118 20.81 -4.22 -2.32
CA GLU A 118 21.38 -4.58 -1.05
C GLU A 118 20.39 -4.34 0.10
N PRO A 119 19.62 -3.25 0.08
CA PRO A 119 18.65 -3.06 1.18
C PRO A 119 17.63 -4.18 1.28
N ALA A 120 17.06 -4.63 0.18
CA ALA A 120 16.12 -5.75 0.27
C ALA A 120 16.80 -6.99 0.84
N ALA A 121 18.02 -7.27 0.39
CA ALA A 121 18.72 -8.47 0.84
C ALA A 121 19.05 -8.40 2.31
N ARG A 122 19.54 -7.25 2.79
CA ARG A 122 19.83 -7.09 4.21
C ARG A 122 18.59 -7.23 5.06
N LEU A 123 17.48 -6.64 4.62
CA LEU A 123 16.26 -6.68 5.41
C LEU A 123 15.69 -8.10 5.43
N ALA A 124 15.71 -8.77 4.27
CA ALA A 124 15.20 -10.14 4.20
C ALA A 124 15.98 -11.07 5.09
N LYS A 125 17.30 -10.96 5.04
CA LYS A 125 18.14 -11.78 5.90
C LYS A 125 17.83 -11.54 7.38
N LEU A 126 17.70 -10.26 7.79
CA LEU A 126 17.34 -9.94 9.17
C LEU A 126 15.98 -10.53 9.55
N LEU A 127 14.97 -10.32 8.70
CA LEU A 127 13.62 -10.77 9.07
C LEU A 127 13.56 -12.28 9.17
N VAL A 128 14.26 -12.98 8.30
CA VAL A 128 14.25 -14.44 8.37
C VAL A 128 14.93 -14.90 9.66
N ASP A 129 15.94 -14.21 10.13
CA ASP A 129 16.67 -14.68 11.28
C ASP A 129 15.93 -14.42 12.59
N ILE A 130 15.07 -13.40 12.65
CA ILE A 130 14.46 -12.99 13.92
C ILE A 130 13.02 -13.42 14.08
N THR A 131 12.38 -13.91 13.02
CA THR A 131 10.99 -14.35 13.10
C THR A 131 10.94 -15.80 13.56
N PRO A 132 9.76 -16.28 13.96
CA PRO A 132 9.65 -17.66 14.44
C PRO A 132 10.24 -18.64 13.44
N ALA A 133 10.80 -19.73 13.97
CA ALA A 133 11.57 -20.66 13.14
C ALA A 133 10.73 -21.24 12.01
N GLY A 134 11.37 -21.46 10.85
CA GLY A 134 10.73 -22.04 9.68
C GLY A 134 10.27 -21.04 8.64
N LEU A 135 10.18 -19.75 9.00
CA LEU A 135 9.77 -18.72 8.04
C LEU A 135 11.03 -18.24 7.31
N ASP A 136 11.20 -18.66 6.06
CA ASP A 136 12.45 -18.42 5.37
C ASP A 136 12.30 -17.71 4.04
N THR A 137 11.10 -17.25 3.65
CA THR A 137 10.98 -16.45 2.43
C THR A 137 10.16 -15.21 2.74
N VAL A 138 10.46 -14.13 2.02
CA VAL A 138 9.94 -12.80 2.33
C VAL A 138 9.37 -12.17 1.08
N PHE A 139 8.09 -11.73 1.14
CA PHE A 139 7.42 -11.00 0.06
C PHE A 139 7.14 -9.59 0.55
N PHE A 140 7.81 -8.58 -0.04
CA PHE A 140 7.62 -7.21 0.41
C PHE A 140 6.41 -6.59 -0.28
N SER A 141 5.63 -5.80 0.48
CA SER A 141 4.60 -4.96 -0.13
C SER A 141 4.58 -3.59 0.54
N ASP A 142 3.60 -2.75 0.14
CA ASP A 142 3.57 -1.35 0.53
C ASP A 142 2.68 -1.06 1.74
N SER A 143 1.81 -1.99 2.14
CA SER A 143 0.97 -1.71 3.28
C SER A 143 0.55 -3.00 3.95
N GLY A 144 0.09 -2.87 5.19
CA GLY A 144 -0.36 -4.02 5.94
C GLY A 144 -1.54 -4.71 5.28
N SER A 145 -2.51 -3.93 4.78
CA SER A 145 -3.68 -4.56 4.18
C SER A 145 -3.29 -5.38 2.95
N VAL A 146 -2.33 -4.88 2.16
CA VAL A 146 -1.84 -5.66 1.01
C VAL A 146 -1.08 -6.91 1.49
N SER A 147 -0.31 -6.80 2.56
CA SER A 147 0.42 -8.00 3.01
C SER A 147 -0.53 -9.07 3.49
N VAL A 148 -1.67 -8.70 4.05
CA VAL A 148 -2.70 -9.68 4.43
C VAL A 148 -3.29 -10.33 3.19
N GLU A 149 -3.54 -9.54 2.15
CA GLU A 149 -4.05 -10.11 0.91
C GLU A 149 -3.02 -11.04 0.25
N VAL A 150 -1.73 -10.71 0.34
CA VAL A 150 -0.71 -11.64 -0.14
C VAL A 150 -0.74 -12.94 0.66
N ALA A 151 -0.92 -12.85 1.98
CA ALA A 151 -0.95 -14.07 2.79
C ALA A 151 -2.14 -14.94 2.39
N ALA A 152 -3.29 -14.32 2.17
CA ALA A 152 -4.44 -15.07 1.69
C ALA A 152 -4.16 -15.68 0.32
N LYS A 153 -3.59 -14.91 -0.59
CA LYS A 153 -3.25 -15.44 -1.90
C LYS A 153 -2.30 -16.60 -1.79
N MET A 154 -1.32 -16.50 -0.90
CA MET A 154 -0.40 -17.61 -0.66
C MET A 154 -1.14 -18.85 -0.20
N ALA A 155 -2.06 -18.70 0.76
CA ALA A 155 -2.77 -19.87 1.27
C ALA A 155 -3.61 -20.53 0.18
N LEU A 156 -4.36 -19.72 -0.57
CA LEU A 156 -5.21 -20.24 -1.61
C LEU A 156 -4.41 -20.92 -2.71
N GLN A 157 -3.32 -20.30 -3.17
CA GLN A 157 -2.51 -20.94 -4.21
C GLN A 157 -1.81 -22.19 -3.70
N TYR A 158 -1.50 -22.24 -2.41
CA TYR A 158 -0.94 -23.43 -1.79
C TYR A 158 -1.86 -24.62 -1.97
N TRP A 159 -3.15 -24.47 -1.60
CA TRP A 159 -4.07 -25.61 -1.72
C TRP A 159 -4.39 -25.93 -3.18
N ARG A 160 -4.44 -24.93 -4.05
CA ARG A 160 -4.58 -25.22 -5.47
C ARG A 160 -3.40 -26.06 -5.95
N GLY A 161 -2.19 -25.74 -5.45
CA GLY A 161 -1.00 -26.55 -5.74
C GLY A 161 -1.01 -27.94 -5.13
N ARG A 162 -1.84 -28.18 -4.12
CA ARG A 162 -2.02 -29.50 -3.54
C ARG A 162 -3.21 -30.23 -4.15
N GLY A 163 -3.84 -29.63 -5.17
CA GLY A 163 -4.99 -30.24 -5.78
C GLY A 163 -6.26 -30.20 -4.95
N LEU A 164 -6.42 -29.18 -4.10
CA LEU A 164 -7.59 -29.09 -3.24
C LEU A 164 -8.13 -27.67 -3.37
N PRO A 165 -8.66 -27.31 -4.53
CA PRO A 165 -9.08 -25.92 -4.77
C PRO A 165 -10.36 -25.53 -4.07
N GLY A 166 -11.07 -26.50 -3.47
CA GLY A 166 -12.19 -26.20 -2.59
C GLY A 166 -11.77 -25.52 -1.31
N LYS A 167 -10.49 -25.59 -0.94
CA LYS A 167 -9.99 -24.95 0.28
C LYS A 167 -9.74 -23.48 -0.05
N ARG A 168 -10.79 -22.70 0.14
CA ARG A 168 -10.93 -21.37 -0.40
C ARG A 168 -11.30 -20.33 0.65
N ARG A 169 -11.83 -20.74 1.79
CA ARG A 169 -12.34 -19.81 2.79
C ARG A 169 -11.32 -19.64 3.92
N LEU A 170 -11.55 -18.60 4.71
CA LEU A 170 -10.74 -18.28 5.86
C LEU A 170 -11.58 -18.39 7.12
N MET A 171 -10.92 -18.80 8.19
CA MET A 171 -11.55 -18.84 9.49
C MET A 171 -10.80 -17.94 10.46
N THR A 172 -11.54 -17.22 11.29
CA THR A 172 -10.91 -16.40 12.33
C THR A 172 -11.84 -16.38 13.53
N TRP A 173 -11.40 -15.71 14.59
CA TRP A 173 -12.26 -15.51 15.74
C TRP A 173 -12.69 -14.05 15.77
N ARG A 174 -13.80 -13.79 16.46
CA ARG A 174 -14.31 -12.43 16.46
C ARG A 174 -13.35 -11.51 17.18
N GLY A 175 -13.53 -10.21 16.99
CA GLY A 175 -12.72 -9.19 17.62
C GLY A 175 -11.53 -8.74 16.80
N GLY A 176 -11.33 -9.30 15.60
CA GLY A 176 -10.10 -9.05 14.88
C GLY A 176 -10.19 -7.86 13.94
N TYR A 177 -9.03 -7.40 13.50
CA TYR A 177 -8.93 -6.36 12.49
C TYR A 177 -7.70 -6.66 11.64
N HIS A 178 -7.86 -6.60 10.31
CA HIS A 178 -6.80 -6.99 9.38
C HIS A 178 -6.63 -6.03 8.20
N GLY A 179 -7.24 -4.86 8.22
CA GLY A 179 -7.06 -3.90 7.15
C GLY A 179 -8.38 -3.62 6.43
N ASP A 180 -8.28 -2.76 5.43
CA ASP A 180 -9.46 -2.13 4.84
C ASP A 180 -9.69 -2.54 3.39
N THR A 181 -8.79 -3.31 2.80
CA THR A 181 -9.08 -3.82 1.46
C THR A 181 -10.17 -4.89 1.55
N PHE A 182 -10.79 -5.21 0.40
CA PHE A 182 -12.04 -5.97 0.46
C PHE A 182 -11.82 -7.37 1.04
N LEU A 183 -10.73 -8.01 0.67
CA LEU A 183 -10.47 -9.32 1.26
C LEU A 183 -10.12 -9.20 2.74
N ALA A 184 -9.29 -8.21 3.11
CA ALA A 184 -8.95 -8.02 4.51
C ALA A 184 -10.21 -7.75 5.34
N MET A 185 -11.12 -6.94 4.80
CA MET A 185 -12.37 -6.63 5.50
C MET A 185 -13.20 -7.87 5.80
N SER A 186 -13.14 -8.89 4.94
CA SER A 186 -13.98 -10.08 5.11
C SER A 186 -13.62 -10.89 6.34
N ILE A 187 -12.42 -10.69 6.92
CA ILE A 187 -12.02 -11.34 8.17
C ILE A 187 -11.94 -10.37 9.34
N CYS A 188 -12.32 -9.12 9.15
CA CYS A 188 -12.45 -8.21 10.27
CA CYS A 188 -12.47 -8.21 10.27
C CYS A 188 -13.71 -8.57 11.06
N ASP A 189 -13.71 -8.25 12.33
CA ASP A 189 -14.89 -8.46 13.17
C ASP A 189 -16.14 -7.93 12.47
N PRO A 190 -17.18 -8.73 12.27
CA PRO A 190 -18.33 -8.25 11.48
C PRO A 190 -19.04 -7.05 12.08
N HIS A 191 -19.11 -6.96 13.41
CA HIS A 191 -19.77 -5.80 14.00
C HIS A 191 -18.88 -4.56 14.03
N GLY A 192 -17.56 -4.73 13.96
CA GLY A 192 -16.64 -3.61 13.80
C GLY A 192 -16.21 -3.44 12.36
N GLY A 193 -17.14 -3.70 11.44
CA GLY A 193 -16.91 -3.54 10.02
C GLY A 193 -18.19 -3.39 9.21
N MET A 194 -19.33 -3.25 9.90
CA MET A 194 -20.62 -2.98 9.26
C MET A 194 -20.90 -3.96 8.11
N HIS A 195 -20.54 -5.22 8.33
CA HIS A 195 -20.70 -6.26 7.31
C HIS A 195 -22.12 -6.35 6.77
N LEU A 202 -18.75 -8.70 0.10
CA LEU A 202 -17.64 -9.33 0.83
C LEU A 202 -17.70 -10.85 0.81
N ALA A 203 -16.54 -11.50 0.80
CA ALA A 203 -16.47 -12.93 0.96
C ALA A 203 -17.03 -13.33 2.34
N ALA A 204 -17.82 -14.41 2.38
CA ALA A 204 -18.44 -14.88 3.63
C ALA A 204 -17.48 -15.87 4.28
N GLN A 205 -16.80 -15.43 5.35
CA GLN A 205 -15.79 -16.23 6.01
C GLN A 205 -16.37 -16.88 7.27
N VAL A 206 -15.57 -17.69 7.93
CA VAL A 206 -16.00 -18.45 9.11
C VAL A 206 -15.50 -17.75 10.36
N PHE A 207 -16.40 -17.44 11.29
CA PHE A 207 -16.05 -16.77 12.53
C PHE A 207 -16.35 -17.63 13.74
N ALA A 208 -15.33 -17.91 14.52
CA ALA A 208 -15.50 -18.44 15.85
C ALA A 208 -15.82 -17.32 16.84
N PRO A 209 -16.33 -17.68 18.02
CA PRO A 209 -16.64 -16.66 19.05
C PRO A 209 -15.40 -15.91 19.49
N GLN A 210 -15.62 -14.78 20.15
CA GLN A 210 -14.54 -14.01 20.78
C GLN A 210 -13.70 -14.91 21.68
N VAL A 211 -12.40 -14.91 21.48
CA VAL A 211 -11.53 -15.67 22.39
C VAL A 211 -11.46 -14.93 23.71
N PRO A 212 -11.62 -15.61 24.85
CA PRO A 212 -11.56 -14.93 26.14
C PRO A 212 -10.11 -14.61 26.52
N ARG A 213 -9.94 -13.82 27.57
CA ARG A 213 -8.59 -13.47 28.02
C ARG A 213 -7.94 -14.63 28.74
N ASP A 214 -8.58 -15.13 29.79
CA ASP A 214 -8.07 -16.28 30.53
C ASP A 214 -8.30 -17.57 29.75
N TYR A 215 -7.38 -18.51 29.91
CA TYR A 215 -7.38 -19.74 29.11
C TYR A 215 -8.49 -20.70 29.55
N ASP A 216 -9.37 -21.05 28.61
CA ASP A 216 -10.46 -21.98 28.86
C ASP A 216 -10.38 -23.07 27.78
N PRO A 217 -9.96 -24.30 28.12
CA PRO A 217 -9.87 -25.35 27.08
C PRO A 217 -11.18 -25.62 26.36
N ALA A 218 -12.32 -25.35 26.98
CA ALA A 218 -13.59 -25.52 26.30
C ALA A 218 -13.65 -24.63 25.07
N TYR A 219 -13.05 -23.44 25.12
CA TYR A 219 -13.06 -22.58 23.94
C TYR A 219 -12.34 -23.26 22.79
N SER A 220 -11.15 -23.81 23.07
CA SER A 220 -10.36 -24.47 22.02
C SER A 220 -11.05 -25.71 21.49
N ALA A 221 -11.68 -26.50 22.36
CA ALA A 221 -12.40 -27.68 21.90
C ALA A 221 -13.53 -27.29 20.94
N ALA A 222 -14.23 -26.19 21.22
CA ALA A 222 -15.32 -25.75 20.36
C ALA A 222 -14.79 -25.19 19.05
N PHE A 223 -13.69 -24.42 19.09
CA PHE A 223 -13.08 -23.92 17.87
C PHE A 223 -12.77 -25.07 16.94
N GLU A 224 -12.15 -26.12 17.51
CA GLU A 224 -11.83 -27.34 16.75
C GLU A 224 -13.08 -27.95 16.13
N ALA A 225 -14.15 -28.11 16.91
CA ALA A 225 -15.36 -28.73 16.37
C ALA A 225 -15.94 -27.91 15.23
N GLN A 226 -15.89 -26.58 15.35
CA GLN A 226 -16.40 -25.71 14.28
C GLN A 226 -15.49 -25.77 13.06
N LEU A 227 -14.18 -25.73 13.27
CA LEU A 227 -13.24 -25.86 12.15
C LEU A 227 -13.41 -27.21 11.46
N ALA A 228 -13.57 -28.28 12.24
CA ALA A 228 -13.66 -29.64 11.68
C ALA A 228 -14.78 -29.74 10.65
N GLN A 229 -15.92 -29.10 10.90
CA GLN A 229 -17.04 -29.12 9.97
C GLN A 229 -16.73 -28.40 8.68
N HIS A 230 -15.79 -27.46 8.70
CA HIS A 230 -15.48 -26.66 7.53
C HIS A 230 -14.13 -27.02 6.93
N ALA A 231 -13.41 -27.99 7.49
CA ALA A 231 -12.03 -28.21 7.11
C ALA A 231 -11.85 -28.34 5.60
N GLY A 232 -12.79 -28.98 4.93
CA GLY A 232 -12.67 -29.22 3.47
C GLY A 232 -12.81 -27.98 2.63
N GLU A 233 -13.32 -26.90 3.19
CA GLU A 233 -13.47 -25.64 2.47
C GLU A 233 -12.56 -24.54 3.01
N LEU A 234 -11.69 -24.84 3.99
CA LEU A 234 -10.86 -23.83 4.66
C LEU A 234 -9.42 -23.88 4.16
N ALA A 235 -8.94 -22.75 3.66
CA ALA A 235 -7.53 -22.62 3.34
C ALA A 235 -6.69 -22.28 4.56
N ALA A 236 -7.21 -21.47 5.48
CA ALA A 236 -6.38 -20.97 6.56
C ALA A 236 -7.22 -20.48 7.71
N VAL A 237 -6.64 -20.58 8.91
CA VAL A 237 -7.01 -19.77 10.07
C VAL A 237 -6.12 -18.53 10.09
N VAL A 238 -6.73 -17.35 10.24
CA VAL A 238 -5.97 -16.11 10.33
C VAL A 238 -6.35 -15.41 11.63
N VAL A 239 -5.36 -15.12 12.46
CA VAL A 239 -5.59 -14.42 13.72
C VAL A 239 -4.44 -13.47 14.01
N GLU A 240 -4.73 -12.46 14.83
CA GLU A 240 -3.72 -11.65 15.51
C GLU A 240 -3.31 -12.35 16.80
N PRO A 241 -2.04 -12.70 17.00
CA PRO A 241 -1.66 -13.47 18.19
C PRO A 241 -1.53 -12.57 19.42
N VAL A 242 -2.11 -13.03 20.52
CA VAL A 242 -2.06 -12.47 21.88
C VAL A 242 -2.79 -11.14 22.07
N VAL A 243 -2.61 -10.20 21.17
CA VAL A 243 -3.25 -8.90 21.23
C VAL A 243 -4.03 -8.66 19.94
N GLN A 244 -5.34 -8.35 20.10
CA GLN A 244 -6.21 -7.91 19.02
C GLN A 244 -6.30 -6.41 19.15
N GLY A 245 -5.71 -5.70 18.20
CA GLY A 245 -5.53 -4.26 18.34
C GLY A 245 -6.75 -3.42 18.01
N ALA A 246 -6.89 -3.07 16.72
CA ALA A 246 -7.90 -2.12 16.29
C ALA A 246 -9.31 -2.62 16.55
N GLY A 247 -9.49 -3.93 16.70
CA GLY A 247 -10.80 -4.49 16.95
C GLY A 247 -11.28 -4.41 18.38
N GLY A 248 -10.45 -3.93 19.31
CA GLY A 248 -10.89 -3.82 20.68
C GLY A 248 -9.80 -3.88 21.75
N MET A 249 -8.53 -3.91 21.36
CA MET A 249 -7.40 -3.93 22.30
C MET A 249 -7.62 -5.03 23.35
N ARG A 250 -7.98 -6.20 22.89
CA ARG A 250 -8.25 -7.33 23.78
C ARG A 250 -7.02 -8.22 23.81
N PHE A 251 -6.74 -8.81 24.97
CA PHE A 251 -5.64 -9.74 25.12
C PHE A 251 -6.16 -11.15 25.34
N HIS A 252 -5.38 -12.14 24.92
CA HIS A 252 -5.73 -13.52 25.19
C HIS A 252 -4.47 -14.31 25.55
N ASP A 253 -4.71 -15.36 26.32
CA ASP A 253 -3.64 -16.22 26.77
C ASP A 253 -2.91 -16.84 25.58
N PRO A 254 -1.59 -16.79 25.54
CA PRO A 254 -0.87 -17.38 24.39
C PRO A 254 -1.08 -18.86 24.24
N ARG A 255 -1.51 -19.55 25.29
CA ARG A 255 -1.75 -20.98 25.13
C ARG A 255 -2.78 -21.26 24.05
N TYR A 256 -3.66 -20.30 23.76
CA TYR A 256 -4.62 -20.48 22.69
C TYR A 256 -3.90 -20.67 21.35
N LEU A 257 -2.73 -20.08 21.18
CA LEU A 257 -2.03 -20.20 19.91
C LEU A 257 -1.42 -21.59 19.74
N HIS A 258 -1.03 -22.25 20.84
CA HIS A 258 -0.59 -23.63 20.73
C HIS A 258 -1.74 -24.52 20.30
N ASP A 259 -2.94 -24.24 20.83
CA ASP A 259 -4.13 -25.01 20.46
C ASP A 259 -4.45 -24.83 18.99
N LEU A 260 -4.40 -23.60 18.48
CA LEU A 260 -4.63 -23.35 17.07
C LEU A 260 -3.60 -24.03 16.19
N ARG A 261 -2.33 -23.97 16.58
CA ARG A 261 -1.30 -24.63 15.79
C ARG A 261 -1.61 -26.10 15.67
N ASP A 262 -2.04 -26.71 16.78
CA ASP A 262 -2.31 -28.15 16.81
C ASP A 262 -3.57 -28.48 16.02
N ILE A 263 -4.62 -27.67 16.16
CA ILE A 263 -5.84 -27.90 15.39
C ILE A 263 -5.54 -27.80 13.90
N CYS A 264 -4.80 -26.76 13.50
CA CYS A 264 -4.51 -26.56 12.08
C CYS A 264 -3.70 -27.71 11.53
N ARG A 265 -2.70 -28.18 12.28
CA ARG A 265 -1.91 -29.32 11.84
C ARG A 265 -2.78 -30.54 11.64
N ARG A 266 -3.66 -30.84 12.60
CA ARG A 266 -4.43 -32.07 12.54
C ARG A 266 -5.50 -32.06 11.44
N TYR A 267 -6.00 -30.89 11.06
CA TYR A 267 -7.08 -30.81 10.09
C TYR A 267 -6.62 -30.29 8.72
N GLU A 268 -5.32 -30.14 8.48
CA GLU A 268 -4.79 -29.72 7.17
C GLU A 268 -5.36 -28.37 6.76
N VAL A 269 -5.14 -27.39 7.64
CA VAL A 269 -5.50 -25.99 7.44
C VAL A 269 -4.25 -25.20 7.79
N LEU A 270 -3.89 -24.22 6.97
CA LEU A 270 -2.73 -23.39 7.29
C LEU A 270 -3.04 -22.41 8.41
N LEU A 271 -2.00 -22.00 9.12
CA LEU A 271 -2.10 -20.99 10.17
C LEU A 271 -1.35 -19.73 9.77
N ILE A 272 -2.06 -18.61 9.76
CA ILE A 272 -1.52 -17.32 9.39
C ILE A 272 -1.58 -16.43 10.63
N PHE A 273 -0.45 -15.84 11.01
CA PHE A 273 -0.44 -14.85 12.08
C PHE A 273 -0.27 -13.46 11.50
N ASP A 274 -1.16 -12.57 11.89
CA ASP A 274 -1.08 -11.18 11.49
C ASP A 274 -0.42 -10.44 12.66
N GLU A 275 0.88 -10.18 12.53
CA GLU A 275 1.66 -9.50 13.54
C GLU A 275 1.97 -8.06 13.15
N ILE A 276 1.09 -7.45 12.36
CA ILE A 276 1.36 -6.11 11.86
C ILE A 276 1.37 -5.10 12.99
N ALA A 277 0.56 -5.29 14.03
CA ALA A 277 0.57 -4.41 15.18
C ALA A 277 1.44 -4.90 16.34
N THR A 278 1.60 -6.22 16.48
CA THR A 278 2.27 -6.83 17.65
C THR A 278 3.78 -7.04 17.48
N GLY A 279 4.32 -6.88 16.28
CA GLY A 279 5.70 -7.21 16.02
C GLY A 279 6.68 -6.25 16.67
N PHE A 280 7.96 -6.63 16.60
CA PHE A 280 9.08 -5.77 16.98
C PHE A 280 8.98 -5.31 18.44
N GLY A 281 8.69 -6.28 19.32
CA GLY A 281 8.88 -6.09 20.76
C GLY A 281 7.68 -5.60 21.53
N ARG A 282 6.57 -5.29 20.84
CA ARG A 282 5.52 -4.49 21.45
C ARG A 282 4.88 -5.20 22.64
N THR A 283 4.67 -6.51 22.55
CA THR A 283 4.02 -7.27 23.62
C THR A 283 5.01 -7.84 24.64
N GLY A 284 6.29 -7.49 24.57
CA GLY A 284 7.29 -8.01 25.48
C GLY A 284 8.12 -9.13 24.90
N ALA A 285 7.64 -9.78 23.85
CA ALA A 285 8.43 -10.69 23.04
C ALA A 285 8.68 -10.01 21.70
N LEU A 286 9.68 -10.49 20.98
CA LEU A 286 10.02 -9.87 19.71
C LEU A 286 8.83 -9.98 18.75
N PHE A 287 8.23 -11.15 18.66
CA PHE A 287 6.94 -11.33 18.01
C PHE A 287 6.06 -12.06 18.98
N ALA A 288 4.77 -11.73 18.95
CA ALA A 288 3.85 -12.29 19.94
C ALA A 288 3.80 -13.81 19.85
N ALA A 289 4.04 -14.38 18.67
CA ALA A 289 4.07 -15.84 18.55
C ALA A 289 5.12 -16.44 19.48
N ASP A 290 6.18 -15.67 19.79
CA ASP A 290 7.25 -16.16 20.66
C ASP A 290 6.77 -16.39 22.10
N HIS A 291 5.72 -15.70 22.55
CA HIS A 291 5.15 -16.01 23.86
C HIS A 291 4.67 -17.45 23.95
N ALA A 292 4.26 -18.03 22.82
CA ALA A 292 3.75 -19.40 22.81
C ALA A 292 4.74 -20.40 22.22
N GLY A 293 5.84 -19.94 21.61
CA GLY A 293 6.76 -20.85 20.97
C GLY A 293 6.18 -21.58 19.78
N VAL A 294 5.24 -20.96 19.07
CA VAL A 294 4.63 -21.55 17.89
C VAL A 294 5.07 -20.78 16.67
N SER A 295 5.15 -21.47 15.55
CA SER A 295 5.46 -20.87 14.28
C SER A 295 4.26 -21.04 13.38
N PRO A 296 3.72 -19.95 12.82
CA PRO A 296 2.67 -20.10 11.82
C PRO A 296 3.28 -20.54 10.49
N ASP A 297 2.40 -20.83 9.54
CA ASP A 297 2.88 -21.17 8.20
C ASP A 297 3.20 -19.90 7.40
N ILE A 298 2.49 -18.83 7.72
CA ILE A 298 2.57 -17.55 7.04
C ILE A 298 2.45 -16.48 8.13
N MET A 299 3.18 -15.38 8.00
CA MET A 299 3.17 -14.30 8.97
C MET A 299 3.23 -12.97 8.22
N CYS A 300 2.49 -11.99 8.69
CA CYS A 300 2.51 -10.62 8.17
C CYS A 300 3.14 -9.72 9.21
N VAL A 301 3.99 -8.80 8.77
CA VAL A 301 4.55 -7.76 9.62
C VAL A 301 4.48 -6.44 8.88
N GLY A 302 4.50 -5.36 9.65
CA GLY A 302 4.43 -4.02 9.09
C GLY A 302 4.62 -2.97 10.17
N LYS A 303 3.95 -1.83 10.00
CA LYS A 303 3.85 -0.75 10.99
C LYS A 303 5.21 -0.40 11.58
N ALA A 304 5.58 -1.05 12.70
CA ALA A 304 6.85 -0.66 13.34
C ALA A 304 8.08 -1.14 12.58
N LEU A 305 7.89 -1.94 11.53
CA LEU A 305 8.98 -2.41 10.67
C LEU A 305 9.89 -1.28 10.21
N THR A 306 9.31 -0.15 9.80
CA THR A 306 10.16 0.95 9.33
C THR A 306 10.43 1.97 10.43
N GLY A 307 10.07 1.68 11.67
CA GLY A 307 10.18 2.71 12.69
C GLY A 307 9.24 3.87 12.47
N GLY A 308 8.22 3.68 11.64
CA GLY A 308 7.23 4.72 11.44
C GLY A 308 7.63 5.79 10.46
N TYR A 309 8.66 5.54 9.65
CA TYR A 309 9.08 6.54 8.68
C TYR A 309 8.31 6.45 7.37
N LEU A 310 8.11 5.23 6.87
CA LEU A 310 7.62 5.01 5.53
C LEU A 310 6.75 3.75 5.54
N SER A 311 5.83 3.68 4.59
CA SER A 311 4.99 2.50 4.48
CA SER A 311 4.98 2.49 4.48
C SER A 311 5.80 1.34 3.92
N LEU A 312 5.81 0.23 4.64
CA LEU A 312 6.42 -1.02 4.20
C LEU A 312 5.78 -2.14 5.00
N ALA A 313 5.57 -3.28 4.35
CA ALA A 313 5.07 -4.48 5.00
C ALA A 313 5.73 -5.69 4.36
N ALA A 314 5.62 -6.83 5.03
CA ALA A 314 6.20 -8.05 4.50
C ALA A 314 5.31 -9.23 4.88
N THR A 315 5.25 -10.21 3.99
CA THR A 315 4.58 -11.47 4.26
C THR A 315 5.66 -12.56 4.19
N LEU A 316 5.82 -13.29 5.28
CA LEU A 316 6.80 -14.37 5.32
C LEU A 316 6.07 -15.71 5.26
N CYS A 317 6.69 -16.68 4.59
CA CYS A 317 6.12 -18.00 4.59
C CYS A 317 7.22 -19.04 4.66
N THR A 318 6.81 -20.23 5.08
CA THR A 318 7.72 -21.36 5.19
C THR A 318 8.19 -21.85 3.81
N ALA A 319 9.27 -22.64 3.85
CA ALA A 319 9.78 -23.23 2.61
C ALA A 319 8.75 -24.13 1.95
N ASP A 320 8.00 -24.88 2.74
CA ASP A 320 6.99 -25.79 2.21
C ASP A 320 5.91 -25.01 1.47
N VAL A 321 5.43 -23.91 2.06
CA VAL A 321 4.44 -23.10 1.37
C VAL A 321 5.01 -22.58 0.06
N ALA A 322 6.22 -22.02 0.12
CA ALA A 322 6.86 -21.47 -1.08
C ALA A 322 7.05 -22.53 -2.14
N HIS A 323 7.52 -23.72 -1.74
CA HIS A 323 7.79 -24.74 -2.74
C HIS A 323 6.50 -25.28 -3.33
N THR A 324 5.47 -25.37 -2.51
CA THR A 324 4.21 -25.87 -3.02
C THR A 324 3.59 -24.90 -4.02
N ILE A 325 3.68 -23.60 -3.73
CA ILE A 325 3.18 -22.62 -4.67
C ILE A 325 3.97 -22.70 -5.97
N SER A 326 5.31 -22.80 -5.86
CA SER A 326 6.18 -22.71 -7.02
C SER A 326 6.09 -23.93 -7.91
N ALA A 327 5.76 -25.08 -7.31
CA ALA A 327 5.60 -26.35 -8.02
C ALA A 327 4.20 -26.57 -8.56
N GLY A 328 3.25 -25.71 -8.20
CA GLY A 328 1.92 -25.86 -8.72
C GLY A 328 1.87 -25.50 -10.19
N ALA A 329 0.82 -25.97 -10.86
CA ALA A 329 0.61 -25.65 -12.26
C ALA A 329 0.73 -24.14 -12.50
N ALA A 330 0.21 -23.32 -11.57
CA ALA A 330 0.33 -21.86 -11.69
C ALA A 330 1.79 -21.46 -11.79
N GLY A 331 2.65 -22.04 -10.96
CA GLY A 331 4.08 -21.85 -11.00
C GLY A 331 4.62 -20.59 -10.35
N ALA A 332 3.76 -19.66 -9.91
CA ALA A 332 4.28 -18.40 -9.41
C ALA A 332 3.21 -17.68 -8.61
N LEU A 333 3.65 -16.88 -7.65
CA LEU A 333 2.73 -16.05 -6.90
C LEU A 333 2.39 -14.83 -7.73
N MET A 334 1.12 -14.68 -8.11
CA MET A 334 0.71 -13.63 -9.03
C MET A 334 0.42 -12.34 -8.25
N HIS A 335 1.50 -11.71 -7.80
CA HIS A 335 1.39 -10.48 -7.06
C HIS A 335 2.72 -9.75 -7.24
N GLY A 336 2.65 -8.43 -7.44
CA GLY A 336 3.82 -7.60 -7.64
C GLY A 336 3.56 -6.11 -7.63
N PRO A 337 3.58 -5.49 -6.46
CA PRO A 337 3.35 -4.04 -6.41
C PRO A 337 4.47 -3.26 -7.10
N THR A 338 4.09 -2.14 -7.71
CA THR A 338 5.06 -1.26 -8.38
C THR A 338 6.28 -0.94 -7.51
N PHE A 339 6.05 -0.52 -6.26
CA PHE A 339 7.13 -0.08 -5.36
C PHE A 339 7.62 -1.21 -4.47
N MET A 340 7.41 -2.45 -4.89
CA MET A 340 7.88 -3.58 -4.11
C MET A 340 9.34 -3.38 -3.75
N ALA A 341 9.62 -3.55 -2.46
CA ALA A 341 10.99 -3.65 -1.92
C ALA A 341 11.77 -2.34 -2.11
N ASN A 342 11.07 -1.20 -2.09
CA ASN A 342 11.59 0.14 -2.23
C ASN A 342 12.87 0.27 -1.40
N PRO A 343 14.00 0.59 -2.04
CA PRO A 343 15.27 0.74 -1.29
C PRO A 343 15.26 1.70 -0.10
N LEU A 344 14.58 2.85 -0.19
CA LEU A 344 14.57 3.79 0.94
C LEU A 344 13.85 3.18 2.13
N ALA A 345 12.67 2.59 1.90
CA ALA A 345 11.93 1.99 2.99
C ALA A 345 12.67 0.81 3.59
N CYS A 346 13.29 -0.03 2.74
CA CYS A 346 14.08 -1.15 3.25
C CYS A 346 15.27 -0.68 4.06
N ALA A 347 15.96 0.37 3.59
CA ALA A 347 17.15 0.85 4.29
C ALA A 347 16.79 1.37 5.67
N VAL A 348 15.70 2.11 5.80
CA VAL A 348 15.39 2.62 7.13
C VAL A 348 14.90 1.47 8.00
N SER A 349 14.20 0.47 7.41
CA SER A 349 13.76 -0.68 8.21
C SER A 349 14.94 -1.46 8.74
N VAL A 350 15.99 -1.64 7.91
CA VAL A 350 17.19 -2.31 8.39
C VAL A 350 17.72 -1.58 9.62
N ALA A 351 17.80 -0.25 9.53
CA ALA A 351 18.36 0.53 10.63
C ALA A 351 17.50 0.41 11.88
N SER A 352 16.17 0.44 11.69
CA SER A 352 15.23 0.36 12.80
C SER A 352 15.31 -1.00 13.48
N VAL A 353 15.41 -2.07 12.70
CA VAL A 353 15.51 -3.40 13.28
C VAL A 353 16.81 -3.57 14.01
N GLU A 354 17.92 -3.10 13.40
CA GLU A 354 19.21 -3.22 14.05
C GLU A 354 19.28 -2.41 15.34
N LEU A 355 18.66 -1.23 15.37
CA LEU A 355 18.66 -0.39 16.55
C LEU A 355 17.94 -1.11 17.70
N LEU A 356 16.88 -1.83 17.37
CA LEU A 356 16.13 -2.55 18.38
C LEU A 356 16.96 -3.71 18.93
N LEU A 357 17.55 -4.50 18.03
CA LEU A 357 18.29 -5.68 18.44
C LEU A 357 19.62 -5.34 19.11
N GLY A 358 20.18 -4.16 18.83
CA GLY A 358 21.41 -3.75 19.45
C GLY A 358 21.28 -3.24 20.85
N GLN A 359 20.06 -3.17 21.39
CA GLN A 359 19.87 -2.72 22.75
C GLN A 359 19.17 -3.82 23.53
N ASP A 360 19.10 -3.67 24.85
CA ASP A 360 18.37 -4.61 25.70
C ASP A 360 16.89 -4.23 25.68
N TRP A 361 16.27 -4.54 24.54
CA TRP A 361 14.90 -4.12 24.29
C TRP A 361 13.93 -4.83 25.23
N ARG A 362 14.27 -6.06 25.64
CA ARG A 362 13.38 -6.83 26.52
C ARG A 362 13.20 -6.16 27.86
N THR A 363 14.31 -5.70 28.46
CA THR A 363 14.27 -4.93 29.71
C THR A 363 13.53 -3.61 29.52
N ARG A 364 13.75 -2.95 28.38
CA ARG A 364 13.09 -1.67 28.10
C ARG A 364 11.57 -1.85 28.09
N ILE A 365 11.07 -2.89 27.42
CA ILE A 365 9.62 -3.12 27.40
C ILE A 365 9.08 -3.50 28.79
N THR A 366 9.82 -4.32 29.54
CA THR A 366 9.38 -4.66 30.90
C THR A 366 9.24 -3.41 31.76
N GLU A 367 10.18 -2.47 31.65
CA GLU A 367 10.08 -1.25 32.42
C GLU A 367 8.90 -0.41 31.97
N LEU A 368 8.64 -0.36 30.66
CA LEU A 368 7.48 0.35 30.13
C LEU A 368 6.18 -0.23 30.66
N ALA A 369 6.07 -1.58 30.66
CA ALA A 369 4.86 -2.24 31.19
C ALA A 369 4.69 -1.96 32.67
N ALA A 370 5.78 -1.94 33.43
CA ALA A 370 5.67 -1.63 34.85
C ALA A 370 5.23 -0.20 35.06
N GLY A 371 5.73 0.72 34.22
CA GLY A 371 5.30 2.11 34.32
C GLY A 371 3.83 2.28 33.98
N LEU A 372 3.36 1.56 32.96
CA LEU A 372 1.95 1.65 32.59
C LEU A 372 1.09 1.06 33.69
N THR A 373 1.51 -0.07 34.25
CA THR A 373 0.74 -0.71 35.33
C THR A 373 0.61 0.22 36.53
N ALA A 374 1.71 0.82 36.96
CA ALA A 374 1.65 1.72 38.11
C ALA A 374 0.82 2.96 37.80
N GLY A 375 0.98 3.55 36.61
CA GLY A 375 0.23 4.75 36.29
C GLY A 375 -1.27 4.52 36.12
N LEU A 376 -1.66 3.35 35.64
CA LEU A 376 -3.08 3.12 35.34
C LEU A 376 -3.84 2.52 36.51
N ASP A 377 -3.15 2.14 37.59
CA ASP A 377 -3.81 1.49 38.72
C ASP A 377 -4.91 2.37 39.32
N THR A 378 -4.65 3.68 39.44
CA THR A 378 -5.67 4.59 39.96
C THR A 378 -6.99 4.44 39.20
N ALA A 379 -6.94 4.01 37.94
CA ALA A 379 -8.15 3.96 37.14
C ALA A 379 -9.04 2.80 37.53
N ARG A 380 -8.49 1.76 38.18
CA ARG A 380 -9.29 0.57 38.42
C ARG A 380 -10.53 0.90 39.24
N ALA A 381 -10.41 1.87 40.16
CA ALA A 381 -11.46 2.25 41.09
C ALA A 381 -12.46 3.24 40.52
N LEU A 382 -12.25 3.76 39.31
CA LEU A 382 -13.14 4.78 38.80
C LEU A 382 -14.49 4.18 38.42
N PRO A 383 -15.58 4.94 38.58
CA PRO A 383 -16.91 4.34 38.43
C PRO A 383 -17.28 3.97 37.00
N ALA A 384 -16.72 4.67 36.00
CA ALA A 384 -17.05 4.37 34.61
C ALA A 384 -16.14 3.32 34.01
N VAL A 385 -15.17 2.84 34.78
CA VAL A 385 -14.13 1.94 34.28
C VAL A 385 -14.51 0.50 34.57
N THR A 386 -14.46 -0.32 33.52
CA THR A 386 -14.74 -1.75 33.51
C THR A 386 -13.50 -2.63 33.62
N ASP A 387 -12.36 -2.18 33.11
CA ASP A 387 -11.17 -3.00 33.12
C ASP A 387 -9.97 -2.13 32.85
N VAL A 388 -8.84 -2.53 33.42
CA VAL A 388 -7.54 -1.96 33.14
C VAL A 388 -6.61 -3.12 32.83
N ARG A 389 -5.90 -3.04 31.72
CA ARG A 389 -5.01 -4.13 31.34
C ARG A 389 -3.79 -3.59 30.62
N VAL A 390 -2.67 -4.28 30.85
CA VAL A 390 -1.39 -3.92 30.29
C VAL A 390 -0.73 -5.19 29.77
N CYS A 391 -0.10 -5.08 28.61
CA CYS A 391 0.64 -6.19 28.01
C CYS A 391 1.82 -5.59 27.28
N GLY A 392 3.03 -5.82 27.80
CA GLY A 392 4.17 -5.13 27.22
C GLY A 392 3.95 -3.64 27.27
N ALA A 393 4.29 -2.95 26.19
CA ALA A 393 4.14 -1.50 26.09
C ALA A 393 2.80 -1.11 25.49
N ILE A 394 1.76 -1.69 26.07
CA ILE A 394 0.36 -1.44 25.68
C ILE A 394 -0.44 -1.30 26.97
N GLY A 395 -1.14 -0.20 27.11
CA GLY A 395 -1.98 0.04 28.27
C GLY A 395 -3.39 0.39 27.84
N VAL A 396 -4.36 -0.18 28.53
CA VAL A 396 -5.77 -0.02 28.15
C VAL A 396 -6.64 0.22 29.38
N ILE A 397 -7.46 1.27 29.29
CA ILE A 397 -8.60 1.46 30.17
C ILE A 397 -9.87 1.23 29.36
N GLU A 398 -10.66 0.23 29.75
CA GLU A 398 -11.96 0.00 29.12
C GLU A 398 -13.08 0.58 29.99
N CYS A 399 -13.92 1.41 29.38
CA CYS A 399 -15.00 2.10 30.04
C CYS A 399 -16.34 1.46 29.71
N ASP A 400 -17.36 1.82 30.48
CA ASP A 400 -18.69 1.25 30.31
C ASP A 400 -19.55 2.05 29.32
N ARG A 401 -18.97 3.06 28.67
CA ARG A 401 -19.72 3.88 27.72
C ARG A 401 -18.72 4.48 26.74
N PRO A 402 -19.19 4.92 25.56
CA PRO A 402 -18.27 5.57 24.62
C PRO A 402 -17.61 6.78 25.25
N VAL A 403 -16.33 6.99 24.95
CA VAL A 403 -15.67 8.21 25.40
C VAL A 403 -15.84 9.26 24.31
N ASP A 404 -16.34 10.42 24.68
CA ASP A 404 -16.58 11.53 23.77
C ASP A 404 -15.25 12.23 23.47
N LEU A 405 -14.79 12.15 22.22
CA LEU A 405 -13.54 12.81 21.83
C LEU A 405 -13.62 14.32 22.00
N ALA A 406 -14.82 14.89 21.92
CA ALA A 406 -14.96 16.33 22.14
C ALA A 406 -14.57 16.72 23.55
N VAL A 407 -14.62 15.77 24.49
CA VAL A 407 -14.15 15.98 25.85
C VAL A 407 -12.76 15.41 26.06
N ALA A 408 -12.50 14.21 25.53
CA ALA A 408 -11.24 13.53 25.82
C ALA A 408 -10.03 14.28 25.25
N THR A 409 -10.14 14.76 24.01
CA THR A 409 -8.98 15.32 23.33
C THR A 409 -8.46 16.58 24.00
N PRO A 410 -9.30 17.58 24.28
CA PRO A 410 -8.82 18.76 25.03
C PRO A 410 -8.31 18.45 26.42
N ALA A 411 -8.98 17.53 27.13
CA ALA A 411 -8.49 17.13 28.45
C ALA A 411 -7.07 16.59 28.36
N ALA A 412 -6.79 15.77 27.35
CA ALA A 412 -5.46 15.18 27.22
C ALA A 412 -4.46 16.21 26.75
N LEU A 413 -4.84 17.05 25.80
CA LEU A 413 -3.92 18.07 25.29
C LEU A 413 -3.54 19.07 26.37
N ASP A 414 -4.49 19.42 27.26
CA ASP A 414 -4.15 20.29 28.38
C ASP A 414 -3.06 19.67 29.23
N ARG A 415 -2.93 18.35 29.22
CA ARG A 415 -1.93 17.64 30.00
C ARG A 415 -0.72 17.25 29.17
N GLY A 416 -0.56 17.83 27.98
CA GLY A 416 0.59 17.59 27.14
C GLY A 416 0.65 16.21 26.51
N VAL A 417 -0.50 15.61 26.21
CA VAL A 417 -0.54 14.24 25.66
C VAL A 417 -1.49 14.19 24.49
N TRP A 418 -1.05 13.56 23.40
CA TRP A 418 -1.94 13.25 22.29
C TRP A 418 -2.48 11.82 22.48
N LEU A 419 -3.78 11.72 22.76
CA LEU A 419 -4.49 10.47 22.87
C LEU A 419 -5.64 10.43 21.86
N ARG A 420 -5.93 9.25 21.34
CA ARG A 420 -7.00 9.06 20.37
C ARG A 420 -7.83 7.89 20.87
N PRO A 421 -8.79 8.13 21.76
CA PRO A 421 -9.68 7.05 22.18
C PRO A 421 -10.53 6.59 21.01
N PHE A 422 -11.08 5.39 21.15
CA PHE A 422 -12.11 4.93 20.22
C PHE A 422 -13.02 3.94 20.96
N ARG A 423 -14.29 3.95 20.56
CA ARG A 423 -15.39 3.23 21.24
C ARG A 423 -15.30 3.56 22.72
N ASN A 424 -15.23 2.57 23.62
CA ASN A 424 -15.18 2.79 25.06
C ASN A 424 -13.76 2.63 25.63
N LEU A 425 -12.74 2.80 24.80
CA LEU A 425 -11.36 2.52 25.17
C LEU A 425 -10.51 3.78 25.16
N VAL A 426 -9.76 3.95 26.24
CA VAL A 426 -8.66 4.90 26.33
C VAL A 426 -7.38 4.07 26.40
N TYR A 427 -6.46 4.25 25.44
CA TYR A 427 -5.34 3.32 25.36
C TYR A 427 -4.09 4.04 24.89
N ALA A 428 -2.96 3.41 25.18
CA ALA A 428 -1.66 3.93 24.80
C ALA A 428 -0.75 2.79 24.34
N MET A 429 0.09 3.09 23.36
CA MET A 429 1.17 2.20 22.93
C MET A 429 2.39 3.10 22.70
N PRO A 430 3.12 3.44 23.75
CA PRO A 430 4.05 4.56 23.66
C PRO A 430 5.37 4.17 23.02
N PRO A 431 6.13 5.13 22.52
CA PRO A 431 7.45 4.80 21.97
C PRO A 431 8.32 4.18 23.05
N TYR A 432 9.21 3.29 22.62
CA TYR A 432 10.09 2.57 23.53
C TYR A 432 11.10 3.50 24.18
N ILE A 433 11.29 4.70 23.61
CA ILE A 433 12.23 5.69 24.17
C ILE A 433 11.61 6.56 25.27
N CYS A 434 10.34 6.37 25.61
CA CYS A 434 9.77 7.21 26.65
C CYS A 434 10.46 6.93 27.99
N THR A 435 10.78 8.01 28.69
CA THR A 435 11.35 7.92 30.03
C THR A 435 10.26 7.56 31.01
N PRO A 436 10.62 7.19 32.26
CA PRO A 436 9.59 6.98 33.30
C PRO A 436 8.67 8.17 33.47
N ALA A 437 9.24 9.39 33.44
CA ALA A 437 8.45 10.61 33.62
C ALA A 437 7.44 10.80 32.49
N GLU A 438 7.82 10.47 31.26
CA GLU A 438 6.89 10.58 30.16
C GLU A 438 5.78 9.56 30.30
N ILE A 439 6.09 8.37 30.80
CA ILE A 439 5.04 7.39 31.04
C ILE A 439 4.09 7.87 32.15
N THR A 440 4.62 8.56 33.18
CA THR A 440 3.75 9.12 34.22
C THR A 440 2.79 10.16 33.64
N GLN A 441 3.28 11.01 32.74
CA GLN A 441 2.41 12.00 32.10
C GLN A 441 1.36 11.33 31.20
N ILE A 442 1.74 10.29 30.45
CA ILE A 442 0.77 9.61 29.59
C ILE A 442 -0.32 8.95 30.41
N THR A 443 0.07 8.15 31.41
CA THR A 443 -0.92 7.44 32.22
C THR A 443 -1.78 8.40 33.03
N SER A 444 -1.18 9.47 33.55
CA SER A 444 -1.99 10.48 34.24
C SER A 444 -3.07 11.06 33.34
N ALA A 445 -2.74 11.31 32.07
CA ALA A 445 -3.74 11.82 31.13
C ALA A 445 -4.82 10.76 30.82
N MET A 446 -4.43 9.49 30.67
CA MET A 446 -5.44 8.45 30.43
C MET A 446 -6.42 8.36 31.59
N VAL A 447 -5.89 8.31 32.82
CA VAL A 447 -6.74 8.20 34.00
C VAL A 447 -7.70 9.38 34.05
N GLU A 448 -7.23 10.58 33.69
CA GLU A 448 -8.09 11.75 33.75
C GLU A 448 -9.19 11.71 32.70
N VAL A 449 -8.91 11.22 31.47
CA VAL A 449 -10.06 11.12 30.57
C VAL A 449 -11.01 10.04 31.07
N ALA A 450 -10.48 8.97 31.68
CA ALA A 450 -11.37 7.96 32.27
C ALA A 450 -12.23 8.54 33.38
N ARG A 451 -11.63 9.38 34.23
CA ARG A 451 -12.37 10.06 35.26
C ARG A 451 -13.45 10.97 34.67
N LEU A 452 -13.16 11.61 33.54
CA LEU A 452 -14.15 12.50 32.94
C LEU A 452 -15.32 11.73 32.32
N VAL A 453 -15.08 10.48 31.87
CA VAL A 453 -16.15 9.69 31.25
C VAL A 453 -17.31 9.49 32.23
N GLY A 454 -17.01 9.29 33.50
CA GLY A 454 -18.06 9.20 34.51
C GLY A 454 -18.21 10.45 35.37
N GLY B 27 26.44 -5.38 5.90
CA GLY B 27 26.91 -5.11 4.56
C GLY B 27 27.06 -6.35 3.69
N LEU B 28 26.79 -6.21 2.37
CA LEU B 28 26.83 -7.34 1.44
C LEU B 28 27.45 -6.95 0.11
N THR B 29 28.33 -7.82 -0.39
CA THR B 29 28.83 -7.70 -1.73
C THR B 29 27.74 -8.13 -2.71
N PRO B 30 27.90 -7.84 -4.00
CA PRO B 30 26.92 -8.32 -4.98
C PRO B 30 26.74 -9.83 -4.97
N GLU B 31 27.82 -10.58 -4.80
CA GLU B 31 27.70 -12.03 -4.77
C GLU B 31 26.86 -12.47 -3.58
N GLN B 32 27.05 -11.81 -2.44
CA GLN B 32 26.28 -12.18 -1.26
C GLN B 32 24.83 -11.74 -1.40
N ILE B 33 24.58 -10.60 -2.06
CA ILE B 33 23.20 -10.17 -2.35
C ILE B 33 22.47 -11.22 -3.17
N ILE B 34 23.12 -11.75 -4.21
CA ILE B 34 22.46 -12.75 -5.05
C ILE B 34 22.18 -14.01 -4.25
N ALA B 35 23.09 -14.38 -3.35
CA ALA B 35 22.88 -15.56 -2.51
C ALA B 35 21.68 -15.39 -1.58
N VAL B 36 21.63 -14.27 -0.85
CA VAL B 36 20.49 -14.03 0.02
C VAL B 36 19.22 -13.94 -0.80
N ASP B 37 19.27 -13.20 -1.90
CA ASP B 37 18.11 -13.02 -2.75
C ASP B 37 17.54 -14.35 -3.18
N GLY B 38 18.37 -15.23 -3.72
CA GLY B 38 17.86 -16.51 -4.20
C GLY B 38 17.28 -17.37 -3.10
N ALA B 39 17.77 -17.23 -1.87
CA ALA B 39 17.28 -18.08 -0.79
C ALA B 39 16.04 -17.50 -0.10
N HIS B 40 15.88 -16.18 -0.08
CA HIS B 40 14.90 -15.57 0.83
C HIS B 40 13.92 -14.59 0.23
N LEU B 41 14.08 -14.14 -1.01
CA LEU B 41 13.28 -13.03 -1.52
C LEU B 41 12.35 -13.50 -2.65
N TRP B 42 11.05 -13.27 -2.50
CA TRP B 42 10.13 -13.41 -3.63
C TRP B 42 10.22 -12.19 -4.54
N HIS B 43 10.21 -12.42 -5.84
CA HIS B 43 10.10 -11.30 -6.76
C HIS B 43 8.72 -11.25 -7.40
N PRO B 44 8.36 -10.12 -8.01
CA PRO B 44 7.05 -9.97 -8.64
C PRO B 44 6.73 -11.10 -9.58
N TYR B 45 5.53 -11.64 -9.43
CA TYR B 45 4.99 -12.63 -10.36
C TYR B 45 6.00 -13.76 -10.63
N SER B 46 6.62 -14.25 -9.57
CA SER B 46 7.68 -15.23 -9.70
C SER B 46 7.49 -16.40 -8.76
N SER B 47 8.39 -17.38 -8.92
CA SER B 47 8.49 -18.54 -8.04
C SER B 47 9.70 -18.34 -7.12
N ILE B 48 9.89 -19.26 -6.19
CA ILE B 48 11.13 -19.38 -5.43
C ILE B 48 11.84 -20.61 -5.96
N GLY B 49 13.08 -20.42 -6.41
CA GLY B 49 13.93 -21.52 -6.85
C GLY B 49 13.66 -22.07 -8.23
N ARG B 50 12.64 -21.56 -8.93
CA ARG B 50 12.36 -22.01 -10.29
C ARG B 50 12.56 -20.91 -11.34
N GLU B 51 13.03 -19.73 -10.94
CA GLU B 51 13.31 -18.62 -11.86
C GLU B 51 14.40 -18.98 -12.87
N ALA B 52 14.02 -19.08 -14.15
CA ALA B 52 14.99 -19.35 -15.21
C ALA B 52 16.02 -18.23 -15.30
N VAL B 53 15.65 -17.01 -14.93
CA VAL B 53 16.55 -15.86 -14.94
C VAL B 53 16.65 -15.31 -13.52
N SER B 54 17.91 -15.23 -12.99
CA SER B 54 18.11 -14.65 -11.67
C SER B 54 18.29 -13.13 -11.79
N PRO B 55 17.93 -12.38 -10.76
CA PRO B 55 17.99 -10.92 -10.84
C PRO B 55 19.41 -10.41 -10.99
N VAL B 56 19.52 -9.21 -11.57
CA VAL B 56 20.79 -8.48 -11.68
C VAL B 56 20.88 -7.52 -10.49
N VAL B 57 22.06 -7.39 -9.89
CA VAL B 57 22.22 -6.50 -8.72
C VAL B 57 22.32 -5.05 -9.22
N ALA B 58 21.45 -4.19 -8.70
CA ALA B 58 21.55 -2.74 -8.89
C ALA B 58 22.23 -2.11 -7.68
N VAL B 59 23.21 -1.24 -7.91
CA VAL B 59 23.98 -0.62 -6.83
C VAL B 59 23.91 0.90 -6.80
N ALA B 60 23.43 1.57 -7.85
CA ALA B 60 23.28 3.03 -7.83
C ALA B 60 22.30 3.43 -8.90
N ALA B 61 21.74 4.63 -8.77
CA ALA B 61 20.91 5.20 -9.82
C ALA B 61 21.09 6.72 -9.78
N HIS B 62 21.34 7.31 -10.93
CA HIS B 62 21.48 8.76 -11.00
C HIS B 62 20.99 9.23 -12.35
N GLY B 63 20.10 10.23 -12.34
CA GLY B 63 19.52 10.72 -13.57
C GLY B 63 18.79 9.61 -14.31
N ALA B 64 19.08 9.46 -15.59
CA ALA B 64 18.43 8.41 -16.36
C ALA B 64 19.16 7.06 -16.30
N TRP B 65 20.23 6.94 -15.50
CA TRP B 65 21.14 5.81 -15.52
C TRP B 65 21.08 4.96 -14.26
N LEU B 66 21.13 3.66 -14.44
CA LEU B 66 21.32 2.68 -13.37
C LEU B 66 22.74 2.16 -13.45
N THR B 67 23.35 1.89 -12.30
CA THR B 67 24.58 1.10 -12.23
C THR B 67 24.19 -0.32 -11.81
N LEU B 68 24.49 -1.29 -12.68
CA LEU B 68 24.18 -2.68 -12.44
C LEU B 68 25.49 -3.44 -12.40
N ILE B 69 25.49 -4.62 -11.78
CA ILE B 69 26.69 -5.48 -11.73
C ILE B 69 26.53 -6.58 -12.77
N ARG B 70 27.46 -6.64 -13.71
CA ARG B 70 27.42 -7.63 -14.77
C ARG B 70 28.80 -8.29 -14.83
N ASP B 71 28.85 -9.60 -14.57
CA ASP B 71 30.11 -10.34 -14.55
C ASP B 71 31.08 -9.70 -13.55
N GLY B 72 30.55 -9.33 -12.38
CA GLY B 72 31.34 -8.76 -11.31
C GLY B 72 31.83 -7.34 -11.52
N GLN B 73 31.39 -6.68 -12.59
CA GLN B 73 31.82 -5.32 -12.90
C GLN B 73 30.64 -4.37 -12.98
N PRO B 74 30.77 -3.15 -12.48
CA PRO B 74 29.66 -2.19 -12.58
C PRO B 74 29.55 -1.64 -13.99
N ILE B 75 28.30 -1.55 -14.49
CA ILE B 75 28.05 -0.99 -15.81
C ILE B 75 26.91 0.00 -15.71
N GLU B 76 26.99 1.07 -16.52
CA GLU B 76 25.95 2.09 -16.53
C GLU B 76 24.98 1.76 -17.66
N VAL B 77 23.68 1.79 -17.35
CA VAL B 77 22.67 1.51 -18.37
C VAL B 77 21.50 2.46 -18.18
N LEU B 78 20.86 2.79 -19.30
CA LEU B 78 19.68 3.65 -19.26
C LEU B 78 18.45 2.90 -18.71
N ASP B 79 17.75 3.56 -17.80
CA ASP B 79 16.48 3.08 -17.23
C ASP B 79 15.35 3.44 -18.20
N ALA B 80 15.22 2.63 -19.25
CA ALA B 80 14.27 2.92 -20.31
C ALA B 80 12.84 2.74 -19.83
N MET B 81 12.66 2.07 -18.70
CA MET B 81 11.33 1.80 -18.15
C MET B 81 10.92 2.82 -17.08
N SER B 82 11.80 3.79 -16.77
CA SER B 82 11.58 4.70 -15.63
C SER B 82 11.20 3.94 -14.35
N SER B 83 11.81 2.77 -14.15
CA SER B 83 11.52 1.93 -12.97
C SER B 83 10.01 1.69 -12.80
N TRP B 84 9.44 1.15 -13.86
CA TRP B 84 8.01 0.82 -13.96
C TRP B 84 7.16 2.08 -13.87
N TRP B 85 7.48 3.04 -14.74
CA TRP B 85 6.72 4.21 -15.02
C TRP B 85 6.83 5.28 -13.95
N THR B 86 7.71 5.15 -12.97
CA THR B 86 7.66 6.07 -11.85
C THR B 86 8.65 7.23 -11.96
N ALA B 87 9.84 6.99 -12.53
CA ALA B 87 10.98 7.93 -12.42
C ALA B 87 10.96 9.01 -13.51
N ILE B 88 9.90 9.84 -13.51
CA ILE B 88 9.72 10.74 -14.66
C ILE B 88 10.80 11.82 -14.70
N HIS B 89 11.39 12.16 -13.56
CA HIS B 89 12.46 13.14 -13.50
C HIS B 89 13.82 12.49 -13.37
N GLY B 90 13.92 11.18 -13.59
CA GLY B 90 15.14 10.45 -13.32
C GLY B 90 15.34 10.23 -11.83
N HIS B 91 16.47 9.61 -11.52
CA HIS B 91 16.81 9.24 -10.15
C HIS B 91 17.70 10.32 -9.52
N GLY B 92 17.55 10.52 -8.21
CA GLY B 92 18.46 11.46 -7.54
C GLY B 92 18.39 12.89 -8.05
N HIS B 93 17.21 13.33 -8.47
CA HIS B 93 17.04 14.73 -8.86
C HIS B 93 17.25 15.63 -7.65
N PRO B 94 18.04 16.70 -7.75
CA PRO B 94 18.33 17.50 -6.54
C PRO B 94 17.10 18.12 -5.89
N ALA B 95 16.08 18.51 -6.68
CA ALA B 95 14.91 19.14 -6.08
C ALA B 95 14.09 18.15 -5.27
N LEU B 96 14.05 16.89 -5.70
CA LEU B 96 13.26 15.91 -4.97
C LEU B 96 14.04 15.39 -3.78
N ASP B 97 15.34 15.11 -3.96
CA ASP B 97 16.20 14.78 -2.81
C ASP B 97 16.06 15.83 -1.70
N GLN B 98 16.13 17.11 -2.06
CA GLN B 98 16.11 18.15 -1.06
C GLN B 98 14.73 18.30 -0.43
N ALA B 99 13.65 18.11 -1.20
CA ALA B 99 12.32 18.19 -0.58
C ALA B 99 12.16 17.12 0.48
N LEU B 100 12.69 15.93 0.21
CA LEU B 100 12.59 14.83 1.13
C LEU B 100 13.43 15.07 2.38
N THR B 101 14.68 15.50 2.20
CA THR B 101 15.51 15.76 3.37
C THR B 101 15.00 16.97 4.18
N THR B 102 14.44 17.98 3.52
CA THR B 102 13.85 19.09 4.27
C THR B 102 12.71 18.58 5.14
N GLN B 103 11.82 17.76 4.58
CA GLN B 103 10.70 17.29 5.40
C GLN B 103 11.19 16.34 6.49
N LEU B 104 12.16 15.49 6.19
CA LEU B 104 12.72 14.57 7.17
C LEU B 104 13.23 15.30 8.40
N ARG B 105 13.76 16.50 8.22
CA ARG B 105 14.27 17.22 9.37
C ARG B 105 13.15 17.76 10.24
N VAL B 106 11.95 17.92 9.69
CA VAL B 106 10.81 18.52 10.44
C VAL B 106 9.93 17.46 11.09
N MET B 107 9.50 16.50 10.28
CA MET B 107 8.46 15.55 10.69
C MET B 107 8.41 14.38 9.72
N ASN B 108 8.81 13.19 10.17
CA ASN B 108 8.78 12.01 9.30
C ASN B 108 7.37 11.56 8.99
N HIS B 109 6.51 11.48 10.00
CA HIS B 109 5.22 10.83 9.87
C HIS B 109 4.43 11.12 11.14
N VAL B 110 3.16 11.38 10.97
CA VAL B 110 2.22 11.44 12.07
C VAL B 110 0.95 10.79 11.55
N MET B 111 0.15 10.29 12.48
CA MET B 111 -1.10 9.63 12.14
C MET B 111 -2.08 10.64 11.55
N PHE B 112 -2.79 10.26 10.50
CA PHE B 112 -3.74 11.18 9.88
C PHE B 112 -5.12 11.16 10.54
N GLY B 113 -5.28 10.40 11.61
CA GLY B 113 -6.50 10.38 12.40
C GLY B 113 -6.52 11.48 13.44
N GLY B 114 -7.26 12.54 13.14
CA GLY B 114 -7.35 13.67 14.03
C GLY B 114 -6.27 14.73 13.83
N LEU B 115 -5.29 14.46 12.97
CA LEU B 115 -4.22 15.41 12.66
C LEU B 115 -4.19 15.66 11.17
N THR B 116 -3.79 16.86 10.79
CA THR B 116 -3.46 17.15 9.40
C THR B 116 -2.11 17.89 9.35
N HIS B 117 -1.61 18.13 8.15
CA HIS B 117 -0.27 18.72 8.05
C HIS B 117 -0.09 19.37 6.69
N GLU B 118 0.97 20.13 6.59
CA GLU B 118 1.18 20.99 5.44
C GLU B 118 1.47 20.22 4.15
N PRO B 119 2.28 19.15 4.18
CA PRO B 119 2.51 18.39 2.93
C PRO B 119 1.23 17.80 2.32
N ALA B 120 0.33 17.22 3.15
CA ALA B 120 -0.94 16.70 2.62
C ALA B 120 -1.78 17.82 2.04
N ALA B 121 -1.85 18.96 2.71
CA ALA B 121 -2.65 20.08 2.23
C ALA B 121 -2.06 20.65 0.94
N ARG B 122 -0.75 20.88 0.91
CA ARG B 122 -0.15 21.39 -0.32
C ARG B 122 -0.36 20.43 -1.47
N LEU B 123 -0.26 19.11 -1.22
CA LEU B 123 -0.44 18.17 -2.33
C LEU B 123 -1.90 18.09 -2.78
N ALA B 124 -2.83 18.04 -1.84
CA ALA B 124 -4.24 18.00 -2.21
C ALA B 124 -4.62 19.22 -3.02
N LYS B 125 -4.17 20.40 -2.58
CA LYS B 125 -4.45 21.64 -3.31
C LYS B 125 -3.89 21.56 -4.74
N LEU B 126 -2.67 21.07 -4.90
CA LEU B 126 -2.12 20.89 -6.24
C LEU B 126 -2.96 19.91 -7.05
N LEU B 127 -3.27 18.74 -6.48
CA LEU B 127 -3.92 17.71 -7.27
C LEU B 127 -5.31 18.15 -7.71
N VAL B 128 -6.02 18.87 -6.85
CA VAL B 128 -7.35 19.32 -7.21
C VAL B 128 -7.29 20.32 -8.37
N ASP B 129 -6.24 21.14 -8.41
CA ASP B 129 -6.17 22.18 -9.44
C ASP B 129 -5.72 21.64 -10.79
N ILE B 130 -4.93 20.56 -10.82
CA ILE B 130 -4.39 20.11 -12.11
C ILE B 130 -5.16 18.93 -12.71
N THR B 131 -6.06 18.30 -11.97
CA THR B 131 -6.80 17.16 -12.47
C THR B 131 -8.05 17.62 -13.21
N PRO B 132 -8.72 16.72 -13.96
CA PRO B 132 -9.95 17.12 -14.68
C PRO B 132 -10.96 17.81 -13.77
N ALA B 133 -11.70 18.74 -14.35
CA ALA B 133 -12.55 19.65 -13.59
C ALA B 133 -13.57 18.89 -12.76
N GLY B 134 -13.87 19.41 -11.58
CA GLY B 134 -14.87 18.79 -10.72
C GLY B 134 -14.33 17.81 -9.70
N LEU B 135 -13.09 17.36 -9.87
CA LEU B 135 -12.52 16.45 -8.88
C LEU B 135 -11.96 17.30 -7.75
N ASP B 136 -12.65 17.31 -6.60
CA ASP B 136 -12.38 18.30 -5.56
C ASP B 136 -12.05 17.73 -4.18
N THR B 137 -12.00 16.42 -4.02
CA THR B 137 -11.62 15.81 -2.75
C THR B 137 -10.61 14.72 -3.01
N VAL B 138 -9.70 14.52 -2.04
CA VAL B 138 -8.52 13.68 -2.21
C VAL B 138 -8.41 12.71 -1.04
N PHE B 139 -8.33 11.43 -1.34
CA PHE B 139 -8.07 10.37 -0.37
C PHE B 139 -6.71 9.71 -0.67
N PHE B 140 -5.74 9.93 0.24
CA PHE B 140 -4.39 9.37 0.04
C PHE B 140 -4.32 7.92 0.54
N SER B 141 -3.64 7.07 -0.23
CA SER B 141 -3.32 5.72 0.23
C SER B 141 -1.88 5.40 -0.14
N ASP B 142 -1.44 4.18 0.15
CA ASP B 142 -0.01 3.84 0.01
C ASP B 142 0.32 3.13 -1.30
N SER B 143 -0.66 2.65 -2.07
CA SER B 143 -0.34 1.93 -3.31
C SER B 143 -1.48 2.06 -4.31
N GLY B 144 -1.15 1.84 -5.57
CA GLY B 144 -2.15 1.97 -6.63
C GLY B 144 -3.31 1.02 -6.44
N SER B 145 -3.00 -0.24 -6.11
N SER B 145 -3.02 -0.24 -6.07
CA SER B 145 -4.03 -1.26 -5.90
CA SER B 145 -4.10 -1.20 -5.97
C SER B 145 -5.02 -0.81 -4.84
C SER B 145 -5.01 -0.93 -4.78
N VAL B 146 -4.50 -0.26 -3.74
CA VAL B 146 -5.39 0.22 -2.66
C VAL B 146 -6.23 1.39 -3.15
N SER B 147 -5.65 2.28 -3.96
CA SER B 147 -6.42 3.44 -4.42
C SER B 147 -7.58 3.02 -5.32
N VAL B 148 -7.41 1.93 -6.05
CA VAL B 148 -8.46 1.36 -6.88
C VAL B 148 -9.57 0.80 -6.02
N GLU B 149 -9.22 0.10 -4.95
CA GLU B 149 -10.25 -0.39 -4.04
C GLU B 149 -10.98 0.75 -3.33
N VAL B 150 -10.28 1.86 -3.03
CA VAL B 150 -10.93 3.03 -2.45
C VAL B 150 -11.95 3.62 -3.43
N ALA B 151 -11.60 3.65 -4.71
CA ALA B 151 -12.53 4.17 -5.70
C ALA B 151 -13.78 3.29 -5.79
N ALA B 152 -13.60 1.95 -5.77
CA ALA B 152 -14.75 1.04 -5.74
C ALA B 152 -15.60 1.25 -4.49
N LYS B 153 -14.94 1.40 -3.33
CA LYS B 153 -15.66 1.67 -2.09
C LYS B 153 -16.43 2.98 -2.17
N MET B 154 -15.85 4.02 -2.78
CA MET B 154 -16.54 5.28 -2.97
C MET B 154 -17.80 5.07 -3.80
N ALA B 155 -17.69 4.34 -4.91
CA ALA B 155 -18.85 4.14 -5.78
C ALA B 155 -19.95 3.36 -5.06
N LEU B 156 -19.58 2.27 -4.41
CA LEU B 156 -20.57 1.45 -3.71
C LEU B 156 -21.25 2.21 -2.58
N GLN B 157 -20.48 2.96 -1.77
CA GLN B 157 -21.07 3.76 -0.71
C GLN B 157 -21.90 4.91 -1.25
N TYR B 158 -21.51 5.45 -2.41
CA TYR B 158 -22.31 6.49 -3.04
C TYR B 158 -23.72 6.01 -3.32
N TRP B 159 -23.86 4.86 -4.01
CA TRP B 159 -25.20 4.39 -4.34
C TRP B 159 -25.98 3.94 -3.11
N ARG B 160 -25.31 3.38 -2.11
CA ARG B 160 -25.99 3.12 -0.85
C ARG B 160 -26.51 4.40 -0.21
N GLY B 161 -25.75 5.49 -0.29
CA GLY B 161 -26.21 6.78 0.20
C GLY B 161 -27.38 7.35 -0.58
N ARG B 162 -27.58 6.90 -1.80
CA ARG B 162 -28.74 7.27 -2.64
C ARG B 162 -29.90 6.30 -2.48
N GLY B 163 -29.77 5.33 -1.60
CA GLY B 163 -30.81 4.35 -1.41
C GLY B 163 -30.94 3.35 -2.52
N LEU B 164 -29.84 3.05 -3.24
CA LEU B 164 -29.84 2.09 -4.33
C LEU B 164 -28.71 1.10 -4.16
N PRO B 165 -28.76 0.25 -3.14
CA PRO B 165 -27.66 -0.68 -2.87
C PRO B 165 -27.58 -1.86 -3.82
N GLY B 166 -28.56 -2.05 -4.71
CA GLY B 166 -28.38 -3.01 -5.78
C GLY B 166 -27.32 -2.60 -6.80
N LYS B 167 -26.93 -1.34 -6.81
CA LYS B 167 -25.91 -0.83 -7.73
C LYS B 167 -24.55 -1.14 -7.10
N ARG B 168 -24.07 -2.33 -7.41
CA ARG B 168 -22.99 -2.98 -6.67
C ARG B 168 -21.89 -3.52 -7.56
N ARG B 169 -22.12 -3.64 -8.86
CA ARG B 169 -21.13 -4.24 -9.73
C ARG B 169 -20.37 -3.18 -10.50
N LEU B 170 -19.27 -3.62 -11.10
CA LEU B 170 -18.42 -2.78 -11.90
C LEU B 170 -18.43 -3.28 -13.33
N MET B 171 -18.32 -2.35 -14.26
CA MET B 171 -18.20 -2.70 -15.67
C MET B 171 -16.88 -2.15 -16.24
N THR B 172 -16.24 -2.92 -17.11
CA THR B 172 -15.05 -2.42 -17.79
C THR B 172 -14.99 -3.09 -19.15
N TRP B 173 -14.01 -2.71 -19.94
CA TRP B 173 -13.73 -3.40 -21.20
C TRP B 173 -12.50 -4.29 -21.01
N ARG B 174 -12.36 -5.26 -21.91
CA ARG B 174 -11.25 -6.20 -21.82
C ARG B 174 -9.94 -5.45 -22.08
N GLY B 175 -8.82 -6.09 -21.71
CA GLY B 175 -7.49 -5.53 -21.87
C GLY B 175 -6.95 -4.78 -20.66
N GLY B 176 -7.70 -4.71 -19.58
CA GLY B 176 -7.34 -3.81 -18.51
C GLY B 176 -6.50 -4.44 -17.42
N TYR B 177 -5.87 -3.57 -16.63
CA TYR B 177 -5.15 -3.99 -15.44
C TYR B 177 -5.29 -2.91 -14.37
N HIS B 178 -5.58 -3.33 -13.15
CA HIS B 178 -5.89 -2.37 -12.10
C HIS B 178 -5.25 -2.74 -10.76
N GLY B 179 -4.35 -3.71 -10.71
CA GLY B 179 -3.69 -4.07 -9.48
C GLY B 179 -3.96 -5.52 -9.11
N ASP B 180 -3.40 -5.90 -7.97
CA ASP B 180 -3.31 -7.30 -7.56
C ASP B 180 -4.10 -7.61 -6.30
N THR B 181 -4.70 -6.62 -5.66
CA THR B 181 -5.62 -6.91 -4.55
C THR B 181 -6.90 -7.53 -5.11
N PHE B 182 -7.69 -8.16 -4.23
CA PHE B 182 -8.75 -9.06 -4.70
C PHE B 182 -9.85 -8.32 -5.47
N LEU B 183 -10.24 -7.13 -5.02
CA LEU B 183 -11.25 -6.37 -5.76
C LEU B 183 -10.67 -5.84 -7.08
N ALA B 184 -9.44 -5.33 -7.06
CA ALA B 184 -8.80 -4.89 -8.30
C ALA B 184 -8.67 -6.01 -9.31
N MET B 185 -8.37 -7.23 -8.83
CA MET B 185 -8.23 -8.36 -9.73
C MET B 185 -9.53 -8.65 -10.45
N SER B 186 -10.65 -8.37 -9.80
CA SER B 186 -11.96 -8.68 -10.38
C SER B 186 -12.24 -7.84 -11.64
N ILE B 187 -11.51 -6.74 -11.86
CA ILE B 187 -11.70 -5.97 -13.10
C ILE B 187 -10.50 -6.09 -14.04
N CYS B 188 -9.54 -6.93 -13.71
CA CYS B 188 -8.49 -7.29 -14.68
C CYS B 188 -9.09 -8.13 -15.80
N ASP B 189 -8.46 -8.04 -16.97
CA ASP B 189 -8.83 -8.87 -18.10
C ASP B 189 -8.88 -10.33 -17.66
N PRO B 190 -9.99 -11.02 -17.83
CA PRO B 190 -10.09 -12.40 -17.28
C PRO B 190 -9.10 -13.38 -17.89
N HIS B 191 -8.80 -13.28 -19.18
CA HIS B 191 -7.84 -14.19 -19.80
C HIS B 191 -6.39 -13.79 -19.57
N GLY B 192 -6.13 -12.51 -19.31
CA GLY B 192 -4.82 -12.05 -18.90
C GLY B 192 -4.75 -11.74 -17.41
N VAL B 201 -13.42 -17.19 -6.99
CA VAL B 201 -13.08 -16.52 -5.73
C VAL B 201 -13.24 -15.01 -5.85
N LEU B 202 -13.29 -14.50 -7.07
CA LEU B 202 -13.35 -13.08 -7.37
C LEU B 202 -14.81 -12.65 -7.58
N ALA B 203 -15.10 -11.37 -7.31
CA ALA B 203 -16.39 -10.79 -7.67
C ALA B 203 -16.60 -10.87 -9.18
N ALA B 204 -17.82 -11.19 -9.61
CA ALA B 204 -18.14 -11.35 -11.03
C ALA B 204 -18.59 -10.00 -11.60
N GLN B 205 -17.72 -9.36 -12.38
CA GLN B 205 -17.98 -8.05 -12.93
C GLN B 205 -18.44 -8.18 -14.39
N VAL B 206 -18.79 -7.06 -15.01
CA VAL B 206 -19.35 -7.02 -16.36
C VAL B 206 -18.25 -6.58 -17.30
N PHE B 207 -17.96 -7.37 -18.35
CA PHE B 207 -16.91 -7.04 -19.31
C PHE B 207 -17.46 -6.79 -20.71
N ALA B 208 -17.17 -5.63 -21.25
CA ALA B 208 -17.32 -5.37 -22.67
C ALA B 208 -16.09 -5.86 -23.44
N PRO B 209 -16.21 -6.04 -24.76
CA PRO B 209 -15.07 -6.53 -25.55
C PRO B 209 -13.91 -5.53 -25.54
N GLN B 210 -12.76 -6.00 -26.00
CA GLN B 210 -11.58 -5.15 -26.16
C GLN B 210 -11.93 -3.90 -26.95
N VAL B 211 -11.59 -2.74 -26.40
CA VAL B 211 -11.84 -1.50 -27.17
C VAL B 211 -10.80 -1.41 -28.29
N PRO B 212 -11.20 -1.15 -29.53
CA PRO B 212 -10.24 -1.10 -30.64
C PRO B 212 -9.44 0.20 -30.62
N ARG B 213 -8.40 0.25 -31.46
CA ARG B 213 -7.57 1.44 -31.48
C ARG B 213 -8.29 2.58 -32.20
N ASP B 214 -8.74 2.31 -33.41
CA ASP B 214 -9.43 3.28 -34.24
C ASP B 214 -10.87 3.43 -33.78
N TYR B 215 -11.40 4.63 -33.93
CA TYR B 215 -12.74 4.91 -33.41
C TYR B 215 -13.78 4.29 -34.33
N ASP B 216 -14.65 3.47 -33.74
CA ASP B 216 -15.77 2.81 -34.44
C ASP B 216 -17.06 3.07 -33.67
N PRO B 217 -17.99 3.86 -34.19
CA PRO B 217 -19.22 4.12 -33.43
C PRO B 217 -19.99 2.86 -33.06
N ALA B 218 -19.86 1.78 -33.83
CA ALA B 218 -20.56 0.53 -33.50
C ALA B 218 -20.12 -0.01 -32.15
N TYR B 219 -18.84 0.15 -31.82
CA TYR B 219 -18.35 -0.34 -30.52
C TYR B 219 -19.04 0.41 -29.37
N SER B 220 -19.13 1.74 -29.48
CA SER B 220 -19.78 2.54 -28.45
C SER B 220 -21.27 2.21 -28.33
N ALA B 221 -21.93 1.96 -29.47
CA ALA B 221 -23.33 1.56 -29.42
C ALA B 221 -23.50 0.21 -28.71
N ALA B 222 -22.59 -0.74 -28.95
CA ALA B 222 -22.69 -2.04 -28.31
C ALA B 222 -22.36 -1.95 -26.83
N PHE B 223 -21.35 -1.16 -26.46
CA PHE B 223 -21.07 -0.92 -25.05
C PHE B 223 -22.30 -0.40 -24.34
N GLU B 224 -22.94 0.60 -24.94
CA GLU B 224 -24.15 1.20 -24.38
C GLU B 224 -25.26 0.17 -24.22
N ALA B 225 -25.48 -0.66 -25.24
CA ALA B 225 -26.55 -1.66 -25.15
C ALA B 225 -26.28 -2.64 -24.01
N GLN B 226 -25.02 -3.02 -23.81
CA GLN B 226 -24.69 -3.94 -22.74
C GLN B 226 -24.83 -3.26 -21.38
N LEU B 227 -24.34 -2.03 -21.25
CA LEU B 227 -24.51 -1.31 -19.99
C LEU B 227 -25.99 -1.14 -19.64
N ALA B 228 -26.80 -0.79 -20.64
CA ALA B 228 -28.23 -0.59 -20.41
C ALA B 228 -28.91 -1.81 -19.78
N GLN B 229 -28.48 -3.02 -20.16
CA GLN B 229 -29.05 -4.24 -19.60
C GLN B 229 -28.70 -4.42 -18.12
N HIS B 230 -27.58 -3.86 -17.68
CA HIS B 230 -27.09 -4.05 -16.32
C HIS B 230 -27.16 -2.79 -15.46
N ALA B 231 -27.66 -1.68 -16.00
CA ALA B 231 -27.51 -0.38 -15.33
C ALA B 231 -28.01 -0.43 -13.89
N GLY B 232 -29.12 -1.11 -13.64
CA GLY B 232 -29.70 -1.21 -12.29
C GLY B 232 -28.83 -1.93 -11.29
N GLU B 233 -27.81 -2.65 -11.75
CA GLU B 233 -26.89 -3.32 -10.85
C GLU B 233 -25.48 -2.77 -10.92
N LEU B 234 -25.22 -1.74 -11.72
CA LEU B 234 -23.88 -1.21 -11.91
C LEU B 234 -23.68 0.03 -11.05
N ALA B 235 -22.64 -0.03 -10.24
CA ALA B 235 -22.19 1.14 -9.52
C ALA B 235 -21.32 2.02 -10.41
N ALA B 236 -20.45 1.45 -11.25
CA ALA B 236 -19.48 2.28 -11.96
C ALA B 236 -18.94 1.52 -13.16
N VAL B 237 -18.55 2.29 -14.18
CA VAL B 237 -17.63 1.88 -15.24
C VAL B 237 -16.22 2.27 -14.80
N VAL B 238 -15.27 1.35 -14.88
CA VAL B 238 -13.88 1.63 -14.52
C VAL B 238 -13.00 1.26 -15.70
N VAL B 239 -12.21 2.23 -16.19
CA VAL B 239 -11.32 1.99 -17.32
C VAL B 239 -10.02 2.77 -17.14
N GLU B 240 -8.96 2.29 -17.79
CA GLU B 240 -7.77 3.09 -18.00
C GLU B 240 -7.97 3.93 -19.26
N PRO B 241 -7.88 5.27 -19.17
CA PRO B 241 -8.14 6.10 -20.35
C PRO B 241 -6.95 6.18 -21.30
N VAL B 242 -7.26 6.02 -22.60
CA VAL B 242 -6.36 6.15 -23.75
C VAL B 242 -5.31 5.06 -23.86
N VAL B 243 -4.60 4.75 -22.77
CA VAL B 243 -3.57 3.71 -22.77
C VAL B 243 -3.90 2.66 -21.71
N GLN B 244 -3.94 1.41 -22.13
CA GLN B 244 -4.01 0.27 -21.21
C GLN B 244 -2.60 -0.29 -21.07
N GLY B 245 -2.00 -0.12 -19.91
CA GLY B 245 -0.59 -0.45 -19.77
C GLY B 245 -0.29 -1.91 -19.58
N ALA B 246 -0.36 -2.35 -18.33
CA ALA B 246 0.06 -3.71 -18.00
C ALA B 246 -0.73 -4.77 -18.75
N GLY B 247 -1.91 -4.44 -19.25
CA GLY B 247 -2.69 -5.42 -19.98
C GLY B 247 -2.31 -5.62 -21.42
N GLY B 248 -1.36 -4.85 -21.95
CA GLY B 248 -0.96 -5.03 -23.34
C GLY B 248 -0.46 -3.80 -24.06
N MET B 249 -0.30 -2.68 -23.33
CA MET B 249 0.18 -1.44 -23.93
C MET B 249 -0.62 -1.10 -25.18
N ARG B 250 -1.94 -1.18 -25.05
CA ARG B 250 -2.83 -0.92 -26.17
C ARG B 250 -3.30 0.51 -26.05
N PHE B 251 -3.47 1.18 -27.19
CA PHE B 251 -3.95 2.55 -27.25
C PHE B 251 -5.35 2.56 -27.85
N HIS B 252 -6.16 3.53 -27.46
CA HIS B 252 -7.47 3.66 -28.09
C HIS B 252 -7.77 5.13 -28.31
N ASP B 253 -8.61 5.37 -29.31
CA ASP B 253 -9.01 6.73 -29.64
C ASP B 253 -9.66 7.43 -28.45
N PRO B 254 -9.24 8.66 -28.12
CA PRO B 254 -9.86 9.36 -26.98
C PRO B 254 -11.36 9.60 -27.14
N ARG B 255 -11.90 9.58 -28.35
CA ARG B 255 -13.34 9.75 -28.51
C ARG B 255 -14.15 8.68 -27.80
N TYR B 256 -13.60 7.50 -27.57
CA TYR B 256 -14.31 6.51 -26.79
C TYR B 256 -14.59 6.99 -25.38
N LEU B 257 -13.71 7.83 -24.82
CA LEU B 257 -13.98 8.31 -23.46
C LEU B 257 -15.11 9.35 -23.45
N HIS B 258 -15.23 10.13 -24.51
CA HIS B 258 -16.37 11.03 -24.61
C HIS B 258 -17.66 10.22 -24.65
N ASP B 259 -17.65 9.10 -25.35
CA ASP B 259 -18.81 8.22 -25.40
C ASP B 259 -19.11 7.62 -24.03
N LEU B 260 -18.10 7.13 -23.34
CA LEU B 260 -18.34 6.56 -22.01
C LEU B 260 -18.92 7.60 -21.07
N ARG B 261 -18.37 8.82 -21.09
CA ARG B 261 -18.90 9.86 -20.22
C ARG B 261 -20.38 10.10 -20.49
N ASP B 262 -20.75 10.13 -21.76
CA ASP B 262 -22.15 10.39 -22.09
C ASP B 262 -23.04 9.21 -21.69
N ILE B 263 -22.60 7.99 -21.98
CA ILE B 263 -23.36 6.80 -21.61
C ILE B 263 -23.55 6.76 -20.08
N CYS B 264 -22.46 6.99 -19.32
CA CYS B 264 -22.56 6.92 -17.87
C CYS B 264 -23.52 7.96 -17.35
N ARG B 265 -23.44 9.18 -17.91
CA ARG B 265 -24.35 10.23 -17.47
C ARG B 265 -25.80 9.88 -17.76
N ARG B 266 -26.09 9.34 -18.95
CA ARG B 266 -27.48 9.07 -19.32
C ARG B 266 -28.06 7.88 -18.56
N TYR B 267 -27.25 6.91 -18.15
CA TYR B 267 -27.73 5.72 -17.47
C TYR B 267 -27.48 5.73 -15.98
N GLU B 268 -26.99 6.84 -15.43
CA GLU B 268 -26.76 6.97 -13.99
C GLU B 268 -25.82 5.87 -13.48
N VAL B 269 -24.64 5.85 -14.08
CA VAL B 269 -23.57 4.97 -13.65
C VAL B 269 -22.35 5.87 -13.46
N LEU B 270 -21.62 5.70 -12.36
CA LEU B 270 -20.44 6.52 -12.15
C LEU B 270 -19.31 6.08 -13.10
N LEU B 271 -18.46 7.04 -13.47
CA LEU B 271 -17.32 6.77 -14.33
C LEU B 271 -16.04 6.98 -13.53
N ILE B 272 -15.20 5.96 -13.50
CA ILE B 272 -13.95 5.94 -12.76
C ILE B 272 -12.83 5.79 -13.78
N PHE B 273 -11.87 6.72 -13.77
CA PHE B 273 -10.67 6.57 -14.57
C PHE B 273 -9.51 6.17 -13.69
N ASP B 274 -8.81 5.11 -14.10
CA ASP B 274 -7.59 4.69 -13.44
C ASP B 274 -6.41 5.27 -14.24
N GLU B 275 -5.83 6.33 -13.72
CA GLU B 275 -4.72 7.03 -14.35
C GLU B 275 -3.41 6.77 -13.61
N ILE B 276 -3.32 5.64 -12.95
CA ILE B 276 -2.12 5.35 -12.18
C ILE B 276 -0.90 5.25 -13.10
N ALA B 277 -1.06 4.72 -14.32
CA ALA B 277 0.06 4.69 -15.25
C ALA B 277 0.11 5.87 -16.22
N THR B 278 -1.02 6.45 -16.58
CA THR B 278 -1.06 7.49 -17.61
C THR B 278 -0.86 8.91 -17.07
N GLY B 279 -0.88 9.11 -15.77
CA GLY B 279 -0.86 10.45 -15.23
C GLY B 279 0.47 11.17 -15.38
N PHE B 280 0.40 12.46 -15.07
CA PHE B 280 1.57 13.32 -14.97
C PHE B 280 2.39 13.37 -16.25
N GLY B 281 1.67 13.54 -17.37
CA GLY B 281 2.27 13.93 -18.65
C GLY B 281 2.63 12.80 -19.58
N ARG B 282 2.49 11.55 -19.13
CA ARG B 282 3.10 10.44 -19.84
C ARG B 282 2.57 10.28 -21.27
N THR B 283 1.27 10.49 -21.49
CA THR B 283 0.66 10.31 -22.82
C THR B 283 0.70 11.59 -23.64
N GLY B 284 1.39 12.63 -23.16
CA GLY B 284 1.47 13.89 -23.86
C GLY B 284 0.53 14.97 -23.34
N ALA B 285 -0.53 14.57 -22.62
CA ALA B 285 -1.36 15.47 -21.85
C ALA B 285 -1.09 15.23 -20.35
N LEU B 286 -1.50 16.18 -19.50
CA LEU B 286 -1.18 16.03 -18.09
C LEU B 286 -1.82 14.78 -17.52
N PHE B 287 -3.11 14.58 -17.83
CA PHE B 287 -3.80 13.32 -17.58
C PHE B 287 -4.46 12.89 -18.87
N ALA B 288 -4.49 11.57 -19.10
CA ALA B 288 -4.96 11.07 -20.39
C ALA B 288 -6.41 11.48 -20.64
N ALA B 289 -7.19 11.67 -19.58
CA ALA B 289 -8.57 12.13 -19.78
C ALA B 289 -8.62 13.46 -20.51
N ASP B 290 -7.57 14.27 -20.38
CA ASP B 290 -7.53 15.59 -21.04
C ASP B 290 -7.52 15.47 -22.56
N HIS B 291 -7.05 14.35 -23.10
CA HIS B 291 -7.13 14.15 -24.55
C HIS B 291 -8.56 14.18 -25.03
N ALA B 292 -9.50 13.84 -24.14
CA ALA B 292 -10.92 13.79 -24.50
C ALA B 292 -11.71 14.95 -23.94
N GLY B 293 -11.10 15.77 -23.09
CA GLY B 293 -11.85 16.81 -22.41
C GLY B 293 -12.92 16.27 -21.50
N VAL B 294 -12.72 15.07 -20.94
CA VAL B 294 -13.72 14.45 -20.08
C VAL B 294 -13.22 14.49 -18.65
N SER B 295 -14.17 14.64 -17.73
CA SER B 295 -13.94 14.52 -16.30
C SER B 295 -14.69 13.30 -15.80
N PRO B 296 -14.02 12.34 -15.17
CA PRO B 296 -14.75 11.25 -14.51
C PRO B 296 -15.29 11.71 -13.15
N ASP B 297 -16.11 10.85 -12.54
CA ASP B 297 -16.60 11.10 -11.19
C ASP B 297 -15.55 10.79 -10.12
N ILE B 298 -14.68 9.83 -10.41
CA ILE B 298 -13.66 9.33 -9.49
C ILE B 298 -12.44 9.06 -10.35
N MET B 299 -11.24 9.35 -9.81
CA MET B 299 -10.00 9.11 -10.53
C MET B 299 -8.93 8.63 -9.56
N CYS B 300 -8.12 7.68 -10.01
CA CYS B 300 -6.96 7.19 -9.28
C CYS B 300 -5.65 7.65 -9.93
N VAL B 301 -4.67 8.03 -9.12
CA VAL B 301 -3.34 8.41 -9.60
C VAL B 301 -2.32 7.77 -8.68
N GLY B 302 -1.11 7.59 -9.20
CA GLY B 302 -0.08 6.96 -8.40
C GLY B 302 1.21 7.02 -9.20
N LYS B 303 2.06 6.00 -9.02
CA LYS B 303 3.31 5.81 -9.78
C LYS B 303 4.13 7.09 -9.89
N ALA B 304 3.97 7.82 -10.99
CA ALA B 304 4.79 9.02 -11.21
C ALA B 304 4.43 10.16 -10.26
N LEU B 305 3.36 10.01 -9.46
CA LEU B 305 3.01 11.01 -8.44
C LEU B 305 4.19 11.41 -7.55
N THR B 306 4.98 10.44 -7.11
CA THR B 306 6.11 10.72 -6.23
C THR B 306 7.45 10.89 -6.95
N GLY B 307 7.43 10.89 -8.27
CA GLY B 307 8.67 10.88 -9.02
C GLY B 307 9.49 9.61 -8.83
N GLY B 308 8.86 8.56 -8.34
CA GLY B 308 9.56 7.28 -8.15
C GLY B 308 10.38 7.14 -6.90
N TYR B 309 10.19 8.00 -5.90
CA TYR B 309 10.95 7.92 -4.66
C TYR B 309 10.30 7.00 -3.64
N LEU B 310 9.00 7.15 -3.46
CA LEU B 310 8.27 6.53 -2.35
C LEU B 310 6.91 6.10 -2.87
N SER B 311 6.32 5.09 -2.24
CA SER B 311 4.97 4.68 -2.60
CA SER B 311 4.97 4.66 -2.60
C SER B 311 3.95 5.68 -2.07
N LEU B 312 3.11 6.17 -2.94
CA LEU B 312 1.98 7.02 -2.64
C LEU B 312 1.00 6.88 -3.79
N ALA B 313 -0.29 6.94 -3.46
CA ALA B 313 -1.36 6.93 -4.44
C ALA B 313 -2.48 7.80 -3.90
N ALA B 314 -3.40 8.17 -4.78
CA ALA B 314 -4.50 9.02 -4.38
C ALA B 314 -5.73 8.71 -5.22
N THR B 315 -6.88 8.82 -4.57
CA THR B 315 -8.17 8.69 -5.20
C THR B 315 -8.92 10.00 -5.04
N LEU B 316 -9.34 10.58 -6.15
CA LEU B 316 -10.08 11.82 -6.12
C LEU B 316 -11.54 11.58 -6.49
N CYS B 317 -12.44 12.37 -5.90
CA CYS B 317 -13.85 12.30 -6.30
C CYS B 317 -14.47 13.69 -6.27
N THR B 318 -15.58 13.81 -6.99
CA THR B 318 -16.32 15.06 -7.05
C THR B 318 -16.94 15.36 -5.69
N ALA B 319 -17.31 16.63 -5.50
CA ALA B 319 -17.98 17.03 -4.26
C ALA B 319 -19.28 16.28 -4.07
N ASP B 320 -20.00 16.04 -5.18
CA ASP B 320 -21.29 15.36 -5.10
C ASP B 320 -21.12 13.94 -4.57
N VAL B 321 -20.12 13.22 -5.09
CA VAL B 321 -19.86 11.88 -4.56
C VAL B 321 -19.51 11.96 -3.09
N ALA B 322 -18.61 12.88 -2.73
CA ALA B 322 -18.18 13.02 -1.34
C ALA B 322 -19.35 13.37 -0.44
N HIS B 323 -20.19 14.32 -0.88
CA HIS B 323 -21.29 14.74 -0.01
C HIS B 323 -22.33 13.65 0.16
N THR B 324 -22.59 12.87 -0.90
CA THR B 324 -23.54 11.78 -0.78
C THR B 324 -23.04 10.71 0.16
N ILE B 325 -21.76 10.35 0.07
CA ILE B 325 -21.20 9.38 1.01
C ILE B 325 -21.26 9.94 2.44
N SER B 326 -20.90 11.21 2.62
CA SER B 326 -20.84 11.75 3.99
C SER B 326 -22.22 11.86 4.60
N ALA B 327 -23.25 12.09 3.78
CA ALA B 327 -24.63 12.17 4.26
C ALA B 327 -25.30 10.81 4.31
N GLY B 328 -24.64 9.75 3.85
CA GLY B 328 -25.23 8.43 3.89
C GLY B 328 -25.33 7.90 5.30
N ALA B 329 -26.14 6.85 5.45
CA ALA B 329 -26.29 6.21 6.76
C ALA B 329 -24.93 5.95 7.38
N ALA B 330 -23.96 5.52 6.57
CA ALA B 330 -22.60 5.33 7.05
C ALA B 330 -22.04 6.61 7.65
N GLY B 331 -22.29 7.76 7.00
CA GLY B 331 -21.78 9.03 7.45
C GLY B 331 -20.33 9.26 7.11
N ALA B 332 -19.64 8.27 6.54
CA ALA B 332 -18.20 8.35 6.34
C ALA B 332 -17.73 7.30 5.34
N LEU B 333 -16.59 7.58 4.71
CA LEU B 333 -15.92 6.61 3.87
C LEU B 333 -15.16 5.65 4.78
N MET B 334 -15.57 4.38 4.80
CA MET B 334 -15.03 3.41 5.76
C MET B 334 -13.71 2.81 5.26
N HIS B 335 -12.68 3.64 5.27
CA HIS B 335 -11.34 3.29 4.85
C HIS B 335 -10.35 4.22 5.53
N GLY B 336 -9.17 3.70 5.88
CA GLY B 336 -8.17 4.51 6.56
C GLY B 336 -6.86 3.79 6.87
N PRO B 337 -5.94 3.76 5.92
CA PRO B 337 -4.67 3.05 6.15
C PRO B 337 -3.73 3.74 7.15
N THR B 338 -2.95 2.92 7.86
CA THR B 338 -2.03 3.40 8.90
C THR B 338 -1.18 4.57 8.43
N PHE B 339 -0.53 4.44 7.25
CA PHE B 339 0.39 5.45 6.75
C PHE B 339 -0.29 6.43 5.81
N MET B 340 -1.60 6.60 5.94
CA MET B 340 -2.32 7.56 5.12
C MET B 340 -1.65 8.94 5.14
N ALA B 341 -1.43 9.49 3.95
CA ALA B 341 -0.97 10.86 3.76
C ALA B 341 0.42 11.08 4.37
N ASN B 342 1.26 10.06 4.34
CA ASN B 342 2.63 10.13 4.90
C ASN B 342 3.34 11.42 4.52
N PRO B 343 3.75 12.24 5.48
CA PRO B 343 4.41 13.53 5.13
C PRO B 343 5.61 13.42 4.23
N LEU B 344 6.49 12.41 4.39
CA LEU B 344 7.65 12.30 3.51
C LEU B 344 7.21 12.04 2.08
N ALA B 345 6.25 11.13 1.88
CA ALA B 345 5.81 10.83 0.53
C ALA B 345 5.09 12.02 -0.08
N CYS B 346 4.24 12.70 0.71
CA CYS B 346 3.56 13.90 0.21
C CYS B 346 4.57 15.00 -0.16
N ALA B 347 5.57 15.25 0.68
CA ALA B 347 6.52 16.33 0.39
C ALA B 347 7.28 16.06 -0.90
N VAL B 348 7.68 14.81 -1.13
CA VAL B 348 8.42 14.56 -2.35
C VAL B 348 7.48 14.65 -3.57
N SER B 349 6.22 14.26 -3.41
CA SER B 349 5.26 14.37 -4.51
C SER B 349 5.01 15.83 -4.87
N VAL B 350 4.86 16.69 -3.85
CA VAL B 350 4.66 18.12 -4.09
C VAL B 350 5.79 18.66 -4.93
N ALA B 351 7.03 18.29 -4.59
CA ALA B 351 8.18 18.77 -5.36
C ALA B 351 8.17 18.22 -6.78
N SER B 352 7.79 16.93 -6.95
CA SER B 352 7.78 16.31 -8.27
C SER B 352 6.74 16.95 -9.15
N VAL B 353 5.56 17.21 -8.61
CA VAL B 353 4.52 17.83 -9.41
C VAL B 353 4.91 19.25 -9.77
N GLU B 354 5.41 20.02 -8.78
CA GLU B 354 5.83 21.39 -9.08
C GLU B 354 7.00 21.42 -10.08
N LEU B 355 7.92 20.47 -10.01
CA LEU B 355 9.00 20.43 -10.97
C LEU B 355 8.46 20.22 -12.39
N LEU B 356 7.44 19.38 -12.51
CA LEU B 356 6.84 19.10 -13.81
C LEU B 356 6.09 20.34 -14.32
N LEU B 357 5.30 20.98 -13.46
CA LEU B 357 4.51 22.14 -13.87
C LEU B 357 5.37 23.37 -14.13
N GLY B 358 6.52 23.48 -13.50
CA GLY B 358 7.39 24.64 -13.62
C GLY B 358 8.22 24.71 -14.88
N GLN B 359 8.15 23.68 -15.71
CA GLN B 359 8.85 23.62 -16.98
C GLN B 359 7.83 23.42 -18.10
N ASP B 360 8.28 23.54 -19.35
CA ASP B 360 7.41 23.32 -20.51
C ASP B 360 7.38 21.83 -20.82
N TRP B 361 6.65 21.11 -19.95
CA TRP B 361 6.63 19.66 -20.02
C TRP B 361 5.98 19.19 -21.32
N ARG B 362 5.03 19.97 -21.87
CA ARG B 362 4.34 19.56 -23.08
C ARG B 362 5.29 19.48 -24.26
N THR B 363 6.14 20.49 -24.42
CA THR B 363 7.16 20.46 -25.46
C THR B 363 8.16 19.33 -25.24
N ARG B 364 8.53 19.10 -23.98
CA ARG B 364 9.45 18.01 -23.68
C ARG B 364 8.88 16.68 -24.13
N ILE B 365 7.60 16.45 -23.81
CA ILE B 365 6.97 15.16 -24.16
C ILE B 365 6.78 15.05 -25.67
N THR B 366 6.44 16.14 -26.34
CA THR B 366 6.34 16.09 -27.80
C THR B 366 7.68 15.72 -28.43
N GLU B 367 8.78 16.26 -27.90
CA GLU B 367 10.11 15.96 -28.45
C GLU B 367 10.51 14.51 -28.17
N LEU B 368 10.20 14.02 -26.97
CA LEU B 368 10.43 12.61 -26.64
C LEU B 368 9.64 11.68 -27.55
N ALA B 369 8.36 11.99 -27.80
CA ALA B 369 7.55 11.21 -28.71
C ALA B 369 8.10 11.25 -30.13
N ALA B 370 8.63 12.39 -30.55
CA ALA B 370 9.19 12.47 -31.89
C ALA B 370 10.42 11.59 -31.99
N GLY B 371 11.25 11.57 -30.94
CA GLY B 371 12.43 10.72 -30.93
C GLY B 371 12.10 9.24 -30.91
N LEU B 372 11.08 8.85 -30.15
CA LEU B 372 10.68 7.44 -30.15
C LEU B 372 10.18 7.04 -31.52
N THR B 373 9.34 7.88 -32.14
CA THR B 373 8.80 7.57 -33.45
C THR B 373 9.92 7.42 -34.46
N ALA B 374 10.86 8.35 -34.46
CA ALA B 374 11.96 8.30 -35.43
C ALA B 374 12.82 7.07 -35.20
N GLY B 375 13.12 6.79 -33.94
CA GLY B 375 14.02 5.68 -33.62
C GLY B 375 13.41 4.31 -33.82
N LEU B 376 12.09 4.18 -33.66
CA LEU B 376 11.46 2.86 -33.79
C LEU B 376 11.00 2.58 -35.21
N ASP B 377 11.08 3.56 -36.12
CA ASP B 377 10.52 3.37 -37.47
C ASP B 377 11.12 2.16 -38.18
N THR B 378 12.44 1.96 -38.05
CA THR B 378 13.13 0.81 -38.61
C THR B 378 12.53 -0.53 -38.14
N ALA B 379 11.83 -0.59 -37.01
CA ALA B 379 11.34 -1.87 -36.53
C ALA B 379 10.14 -2.37 -37.34
N ARG B 380 9.42 -1.46 -38.02
CA ARG B 380 8.19 -1.85 -38.70
C ARG B 380 8.45 -2.93 -39.74
N ALA B 381 9.58 -2.86 -40.43
CA ALA B 381 9.87 -3.80 -41.50
C ALA B 381 10.48 -5.10 -41.02
N LEU B 382 10.77 -5.24 -39.73
CA LEU B 382 11.38 -6.45 -39.24
C LEU B 382 10.37 -7.60 -39.30
N PRO B 383 10.85 -8.83 -39.50
CA PRO B 383 9.92 -9.94 -39.80
C PRO B 383 9.08 -10.41 -38.61
N ALA B 384 9.55 -10.23 -37.38
CA ALA B 384 8.80 -10.66 -36.21
C ALA B 384 7.90 -9.57 -35.63
N VAL B 385 7.93 -8.37 -36.20
CA VAL B 385 7.24 -7.21 -35.66
C VAL B 385 5.88 -7.10 -36.31
N THR B 386 4.85 -7.02 -35.47
CA THR B 386 3.45 -6.91 -35.87
C THR B 386 2.94 -5.49 -35.90
N ASP B 387 3.49 -4.63 -35.04
CA ASP B 387 3.05 -3.24 -34.91
C ASP B 387 4.12 -2.45 -34.18
N VAL B 388 4.19 -1.17 -34.50
CA VAL B 388 5.00 -0.20 -33.77
C VAL B 388 4.08 0.98 -33.49
N ARG B 389 4.04 1.42 -32.23
CA ARG B 389 3.14 2.48 -31.88
C ARG B 389 3.75 3.32 -30.77
N VAL B 390 3.44 4.61 -30.82
CA VAL B 390 3.99 5.61 -29.92
C VAL B 390 2.83 6.51 -29.48
N CYS B 391 2.81 6.85 -28.19
CA CYS B 391 1.85 7.79 -27.63
C CYS B 391 2.57 8.60 -26.55
N GLY B 392 2.83 9.87 -26.80
CA GLY B 392 3.60 10.63 -25.82
C GLY B 392 4.93 9.95 -25.55
N ALA B 393 5.29 9.83 -24.28
CA ALA B 393 6.56 9.21 -23.91
C ALA B 393 6.42 7.71 -23.66
N ILE B 394 5.75 7.03 -24.59
CA ILE B 394 5.52 5.58 -24.54
C ILE B 394 5.79 5.04 -25.94
N GLY B 395 6.67 4.06 -26.06
CA GLY B 395 6.98 3.49 -27.35
C GLY B 395 6.88 1.98 -27.27
N VAL B 396 6.21 1.35 -28.23
CA VAL B 396 5.94 -0.08 -28.18
C VAL B 396 6.28 -0.73 -29.51
N ILE B 397 7.03 -1.83 -29.48
CA ILE B 397 7.14 -2.78 -30.58
C ILE B 397 6.38 -4.02 -30.17
N GLU B 398 5.32 -4.34 -30.90
CA GLU B 398 4.57 -5.58 -30.67
C GLU B 398 5.10 -6.65 -31.60
N CYS B 399 5.50 -7.80 -31.03
CA CYS B 399 6.13 -8.91 -31.74
C CYS B 399 5.15 -10.05 -31.94
N ASP B 400 5.49 -10.97 -32.84
CA ASP B 400 4.58 -12.05 -33.21
C ASP B 400 4.74 -13.29 -32.34
N ARG B 401 5.59 -13.23 -31.32
CA ARG B 401 5.83 -14.32 -30.38
C ARG B 401 6.17 -13.69 -29.04
N PRO B 402 5.95 -14.40 -27.93
CA PRO B 402 6.41 -13.89 -26.64
C PRO B 402 7.91 -13.64 -26.72
N VAL B 403 8.36 -12.59 -26.06
CA VAL B 403 9.77 -12.22 -26.07
C VAL B 403 10.49 -12.99 -24.96
N ASP B 404 11.54 -13.72 -25.33
CA ASP B 404 12.34 -14.50 -24.39
C ASP B 404 13.29 -13.59 -23.61
N LEU B 405 13.05 -13.44 -22.31
CA LEU B 405 13.87 -12.55 -21.51
C LEU B 405 15.33 -12.98 -21.44
N ALA B 406 15.59 -14.30 -21.55
CA ALA B 406 16.97 -14.77 -21.53
C ALA B 406 17.79 -14.32 -22.73
N VAL B 407 17.13 -13.93 -23.82
CA VAL B 407 17.82 -13.38 -24.99
C VAL B 407 17.78 -11.85 -24.99
N ALA B 408 16.62 -11.29 -24.65
CA ALA B 408 16.40 -9.86 -24.72
C ALA B 408 17.24 -9.10 -23.70
N THR B 409 17.36 -9.65 -22.49
CA THR B 409 18.00 -8.88 -21.42
C THR B 409 19.47 -8.68 -21.69
N PRO B 410 20.27 -9.71 -21.99
CA PRO B 410 21.67 -9.44 -22.33
C PRO B 410 21.83 -8.62 -23.61
N ALA B 411 20.99 -8.85 -24.63
CA ALA B 411 21.05 -8.02 -25.84
C ALA B 411 20.89 -6.55 -25.49
N ALA B 412 19.96 -6.22 -24.62
CA ALA B 412 19.73 -4.83 -24.23
C ALA B 412 20.88 -4.30 -23.35
N LEU B 413 21.35 -5.10 -22.38
CA LEU B 413 22.44 -4.65 -21.53
C LEU B 413 23.71 -4.45 -22.32
N ASP B 414 23.95 -5.31 -23.31
CA ASP B 414 25.13 -5.15 -24.17
C ASP B 414 25.11 -3.82 -24.89
N ARG B 415 23.94 -3.20 -25.04
CA ARG B 415 23.80 -1.91 -25.68
C ARG B 415 23.61 -0.79 -24.67
N GLY B 416 23.88 -1.04 -23.39
CA GLY B 416 23.76 -0.02 -22.38
C GLY B 416 22.33 0.41 -22.02
N VAL B 417 21.38 -0.49 -22.12
CA VAL B 417 19.97 -0.17 -21.84
C VAL B 417 19.35 -1.28 -21.02
N TRP B 418 18.61 -0.87 -19.97
CA TRP B 418 17.77 -1.77 -19.17
C TRP B 418 16.37 -1.74 -19.76
N LEU B 419 15.96 -2.86 -20.37
CA LEU B 419 14.63 -3.08 -20.92
C LEU B 419 14.04 -4.28 -20.21
N ARG B 420 12.73 -4.26 -19.98
CA ARG B 420 11.99 -5.36 -19.39
C ARG B 420 10.79 -5.66 -20.27
N PRO B 421 10.95 -6.49 -21.32
CA PRO B 421 9.78 -6.87 -22.12
C PRO B 421 8.80 -7.69 -21.30
N PHE B 422 7.57 -7.77 -21.80
CA PHE B 422 6.61 -8.67 -21.20
C PHE B 422 5.66 -9.12 -22.30
N ARG B 423 5.18 -10.33 -22.12
CA ARG B 423 4.45 -11.05 -23.16
C ARG B 423 5.19 -10.87 -24.49
N ASN B 424 4.51 -10.36 -25.53
CA ASN B 424 5.10 -10.11 -26.83
C ASN B 424 5.48 -8.65 -27.08
N LEU B 425 5.74 -7.88 -26.02
CA LEU B 425 5.99 -6.44 -26.18
C LEU B 425 7.42 -6.08 -25.77
N VAL B 426 8.08 -5.29 -26.61
CA VAL B 426 9.29 -4.57 -26.25
C VAL B 426 8.88 -3.10 -26.18
N TYR B 427 8.99 -2.48 -25.00
CA TYR B 427 8.45 -1.14 -24.87
C TYR B 427 9.34 -0.32 -23.94
N ALA B 428 9.15 0.99 -24.02
CA ALA B 428 9.89 1.92 -23.21
C ALA B 428 8.94 3.02 -22.75
N MET B 429 9.19 3.53 -21.54
CA MET B 429 8.52 4.73 -21.03
C MET B 429 9.62 5.49 -20.31
N PRO B 430 10.44 6.22 -21.06
CA PRO B 430 11.66 6.73 -20.52
C PRO B 430 11.44 7.96 -19.64
N PRO B 431 12.40 8.29 -18.80
CA PRO B 431 12.33 9.54 -18.05
C PRO B 431 12.24 10.75 -18.97
N TYR B 432 11.53 11.77 -18.48
CA TYR B 432 11.35 12.98 -19.25
C TYR B 432 12.66 13.73 -19.41
N ILE B 433 13.65 13.43 -18.58
CA ILE B 433 14.94 14.11 -18.71
C ILE B 433 15.87 13.47 -19.74
N CYS B 434 15.45 12.43 -20.44
CA CYS B 434 16.36 11.84 -21.42
C CYS B 434 16.65 12.79 -22.56
N THR B 435 17.92 12.91 -22.92
CA THR B 435 18.32 13.71 -24.06
C THR B 435 17.96 12.99 -25.36
N PRO B 436 18.01 13.70 -26.49
CA PRO B 436 17.81 13.04 -27.79
C PRO B 436 18.72 11.85 -28.03
N ALA B 437 20.00 11.96 -27.67
CA ALA B 437 20.93 10.84 -27.89
C ALA B 437 20.56 9.64 -27.04
N GLU B 438 20.12 9.87 -25.80
CA GLU B 438 19.73 8.76 -24.94
C GLU B 438 18.47 8.08 -25.48
N ILE B 439 17.55 8.86 -26.02
CA ILE B 439 16.36 8.26 -26.62
C ILE B 439 16.76 7.41 -27.83
N THR B 440 17.71 7.90 -28.62
CA THR B 440 18.17 7.11 -29.75
C THR B 440 18.85 5.83 -29.28
N GLN B 441 19.64 5.90 -28.21
CA GLN B 441 20.24 4.67 -27.69
C GLN B 441 19.16 3.69 -27.22
N ILE B 442 18.13 4.19 -26.58
CA ILE B 442 17.04 3.31 -26.13
C ILE B 442 16.35 2.65 -27.32
N THR B 443 15.94 3.45 -28.33
CA THR B 443 15.21 2.86 -29.45
C THR B 443 16.08 1.92 -30.26
N SER B 444 17.38 2.25 -30.44
CA SER B 444 18.27 1.33 -31.12
C SER B 444 18.34 -0.01 -30.39
N ALA B 445 18.33 0.02 -29.05
CA ALA B 445 18.35 -1.25 -28.30
C ALA B 445 17.04 -2.01 -28.45
N MET B 446 15.91 -1.29 -28.43
CA MET B 446 14.62 -1.95 -28.68
C MET B 446 14.58 -2.63 -30.04
N VAL B 447 15.02 -1.91 -31.10
CA VAL B 447 15.00 -2.51 -32.43
C VAL B 447 15.85 -3.76 -32.46
N GLU B 448 16.99 -3.75 -31.76
CA GLU B 448 17.88 -4.90 -31.80
C GLU B 448 17.31 -6.10 -31.03
N VAL B 449 16.56 -5.90 -29.93
CA VAL B 449 15.95 -7.09 -29.33
C VAL B 449 14.81 -7.59 -30.21
N ALA B 450 14.07 -6.69 -30.85
CA ALA B 450 13.05 -7.12 -31.79
C ALA B 450 13.66 -7.91 -32.94
N ARG B 451 14.82 -7.46 -33.43
CA ARG B 451 15.52 -8.20 -34.49
C ARG B 451 15.88 -9.60 -34.01
N LEU B 452 16.24 -9.74 -32.75
CA LEU B 452 16.62 -11.05 -32.21
C LEU B 452 15.43 -11.96 -32.02
N VAL B 453 14.23 -11.42 -31.82
CA VAL B 453 13.06 -12.27 -31.62
C VAL B 453 12.83 -13.16 -32.83
N GLY B 454 13.04 -12.61 -34.03
CA GLY B 454 12.96 -13.38 -35.26
C GLY B 454 14.32 -13.69 -35.90
C1 EWE C . -8.18 3.38 13.41
C10 EWE C . -8.06 2.25 12.60
C11 EWE C . -10.22 2.45 13.56
C12 EWE C . -9.40 1.60 12.66
C13 EWE C . -9.94 0.47 12.09
C14 EWE C . -11.26 0.12 12.37
C15 EWE C . -12.05 0.91 13.22
C16 EWE C . -11.53 2.06 13.81
C2 EWE C . -3.39 -5.45 11.61
C2A EWE C . -3.25 -6.34 12.81
C3 EWE C . -3.52 -4.01 11.79
C4 EWE C . -3.59 -3.15 10.58
C4A EWE C . -3.81 -1.67 10.61
C5 EWE C . -3.64 -3.85 9.27
C5A EWE C . -3.77 -3.04 8.00
C6 EWE C . -3.53 -5.22 9.22
C7 EWE C . -4.63 1.04 12.58
C8 EWE C . -5.47 2.26 12.28
C9 EWE C . -6.85 1.78 11.78
N1 EWE C . -3.40 -5.95 10.35
N11 EWE C . -4.88 3.15 11.24
N2 EWE C . -9.44 3.47 13.96
N3 EWE C . -4.22 0.31 11.53
N4A EWE C . -3.98 -0.99 11.66
O1P EWE C . -3.17 -1.20 5.57
O2P EWE C . -1.11 -0.51 6.75
O3 EWE C . -3.47 -3.52 13.03
O3P EWE C . -3.37 0.18 7.62
O4 EWE C . -4.46 0.68 13.74
O4P EWE C . -2.61 -2.20 7.90
P EWE C . -2.57 -0.88 6.93
H1 EWE C . -7.39 4.10 13.58
H13 EWE C . -9.34 -0.16 11.44
H14 EWE C . -11.69 -0.78 11.93
H15 EWE C . -13.08 0.62 13.41
H16 EWE C . -12.16 2.66 14.47
H2A1 EWE C . -3.87 -5.99 13.59
H2A2 EWE C . -3.53 -7.33 12.56
H2A3 EWE C . -2.23 -6.34 13.14
H4A EWE C . -3.82 -1.14 9.67
H5A1 EWE C . -4.67 -2.44 8.02
H5A2 EWE C . -3.82 -3.70 7.14
H6 EWE C . -3.54 -5.72 8.26
H8 EWE C . -5.57 2.85 13.20
H9 EWE C . -6.85 0.69 11.79
H91 EWE C . -6.98 2.12 10.75
HN11 EWE C . -4.92 2.68 10.32
HN13 EWE C . -3.88 3.34 11.48
HN12 EWE C . -5.39 4.04 11.21
HN2 EWE C . -9.75 4.22 14.59
HN3 EWE C . -4.11 0.75 10.63
HO3 EWE C . -2.59 -3.17 13.21
MG MG D . 14.18 -18.54 10.63
C1 EWE E . 3.09 -4.48 -15.97
C10 EWE E . 4.20 -4.54 -15.13
C11 EWE E . 3.68 -6.62 -16.12
C12 EWE E . 4.64 -5.96 -15.22
C13 EWE E . 5.68 -6.66 -14.65
C14 EWE E . 5.82 -8.02 -14.92
C15 EWE E . 4.92 -8.67 -15.76
C16 EWE E . 3.85 -7.98 -16.36
C2 EWE E . -2.95 0.75 -12.98
C2A EWE E . -3.45 1.41 -14.25
C3 EWE E . -1.57 0.26 -12.93
C4 EWE E . -1.09 -0.38 -11.68
C4A EWE E . 0.26 -0.98 -11.55
C5 EWE E . -2.07 -0.51 -10.57
C5A EWE E . -1.62 -1.16 -9.29
C6 EWE E . -3.36 0.00 -10.74
C7 EWE E . 2.94 -2.08 -13.43
C8 EWE E . 4.16 -2.91 -13.10
C9 EWE E . 4.85 -3.41 -14.37
N1 EWE E . -3.75 0.58 -11.90
N11 EWE E . 3.84 -4.05 -12.20
N2 EWE E . 2.80 -5.69 -16.51
N3 EWE E . 2.16 -1.76 -12.39
N4A EWE E . 0.99 -1.16 -12.57
O1P EWE E . -0.35 -1.61 -6.44
O2P EWE E . 1.35 -1.76 -8.19
O3 EWE E . -0.78 0.43 -14.02
O3P EWE E . 1.07 0.37 -6.85
O4 EWE E . 2.71 -1.74 -14.57
O4P EWE E . -0.70 -0.30 -8.62
P EWE E . 0.38 -0.84 -7.49
H1 EWE E . 2.52 -3.57 -16.16
H13 EWE E . 6.38 -6.16 -13.98
H14 EWE E . 6.62 -8.58 -14.46
H15 EWE E . 5.04 -9.73 -15.96
H16 EWE E . 3.17 -8.51 -17.02
H2A1 EWE E . -4.50 1.42 -14.26
H2A2 EWE E . -3.09 0.88 -15.08
H2A3 EWE E . -3.10 2.41 -14.28
H4A EWE E . 0.61 -1.27 -10.57
H5A1 EWE E . -1.14 -2.12 -9.51
H5A2 EWE E . -2.48 -1.36 -8.66
H6 EWE E . -4.07 -0.08 -9.92
H8 EWE E . 4.86 -2.24 -12.58
H9 EWE E . 5.85 -3.73 -14.09
H91 EWE E . 4.95 -2.57 -15.05
HN11 EWE E . 2.94 -4.48 -12.49
HN13 EWE E . 3.76 -3.72 -11.22
HN12 EWE E . 4.60 -4.76 -12.27
HN2 EWE E . 2.01 -5.88 -17.16
HN3 EWE E . 2.45 -2.01 -11.47
HO3 EWE E . -0.09 1.06 -13.81
MG MG F . -6.41 -6.21 -12.38
#